data_7DN4
#
_entry.id   7DN4
#
_cell.length_a   166.751
_cell.length_b   166.751
_cell.length_c   161.484
_cell.angle_alpha   90.000
_cell.angle_beta   90.000
_cell.angle_gamma   120.000
#
_symmetry.space_group_name_H-M   'P 65 2 2'
#
loop_
_entity.id
_entity.type
_entity.pdbx_description
1 polymer 'Nucleosome-remodeling factor subunit BPTF'
2 non-polymer 3-methyl-2-[[(3R,5R)-1-methyl-5-phenyl-piperidin-3-yl]amino]-6,7-dihydro-5H-cyclopenta[d]pyrimidin-4-one
#
_entity_poly.entity_id   1
_entity_poly.type   'polypeptide(L)'
_entity_poly.pdbx_seq_one_letter_code
;SMSTEDAMTVLTPLTEKDYEGLKRVLRSLQAHKMAWPFLEPVDPNDAPDYYGVIKEPMDLATMEERVQRRYYEKLTEFVA
DMTKIFDNCRYYNPSDSPFYQCAEVLESFFVQKLKGFKASRSH
;
_entity_poly.pdbx_strand_id   A,B,C,D,E,F
#
loop_
_chem_comp.id
_chem_comp.type
_chem_comp.name
_chem_comp.formula
JC3 non-polymer 3-methyl-2-[[(3R,5R)-1-methyl-5-phenyl-piperidin-3-yl]amino]-6,7-dihydro-5H-cyclopenta[d]pyrimidin-4-one 'C20 H26 N4 O'
#
# COMPACT_ATOMS: atom_id res chain seq x y z
N ASP A 6 -5.77 13.30 -10.73
CA ASP A 6 -6.71 12.20 -11.03
C ASP A 6 -6.07 10.81 -11.05
N ALA A 7 -6.81 9.91 -10.42
CA ALA A 7 -6.42 8.51 -10.39
C ALA A 7 -6.19 7.96 -11.78
N MET A 8 -7.17 8.08 -12.65
CA MET A 8 -7.12 7.35 -13.92
C MET A 8 -5.95 7.82 -14.77
N THR A 9 -5.48 9.04 -14.53
CA THR A 9 -4.49 9.62 -15.42
C THR A 9 -3.17 8.91 -15.29
N VAL A 10 -2.84 8.53 -14.05
CA VAL A 10 -1.61 7.85 -13.66
C VAL A 10 -1.68 6.35 -13.95
N LEU A 11 -2.86 5.75 -13.64
CA LEU A 11 -3.04 4.32 -13.37
C LEU A 11 -3.71 3.57 -14.51
N THR A 12 -4.89 4.00 -14.92
CA THR A 12 -5.61 3.40 -16.05
C THR A 12 -4.79 3.52 -17.33
N PRO A 13 -4.44 2.42 -17.99
CA PRO A 13 -3.61 2.51 -19.20
C PRO A 13 -4.42 2.99 -20.40
N LEU A 14 -3.68 3.22 -21.50
CA LEU A 14 -4.18 3.94 -22.66
C LEU A 14 -4.71 2.94 -23.70
N THR A 15 -6.03 2.97 -23.92
CA THR A 15 -6.70 2.10 -24.86
C THR A 15 -6.64 2.67 -26.26
N GLU A 16 -6.99 1.83 -27.25
CA GLU A 16 -7.10 2.33 -28.62
C GLU A 16 -8.09 3.50 -28.69
N LYS A 17 -9.21 3.41 -27.97
CA LYS A 17 -10.13 4.53 -27.87
C LYS A 17 -9.40 5.79 -27.42
N ASP A 18 -8.73 5.73 -26.24
CA ASP A 18 -7.97 6.87 -25.76
C ASP A 18 -7.10 7.45 -26.87
N TYR A 19 -6.16 6.65 -27.37
CA TYR A 19 -5.24 7.14 -28.40
C TYR A 19 -5.99 7.83 -29.53
N GLU A 20 -7.18 7.36 -29.86
CA GLU A 20 -7.98 8.06 -30.86
C GLU A 20 -8.16 9.53 -30.46
N GLY A 21 -8.65 9.79 -29.26
CA GLY A 21 -8.88 11.15 -28.79
C GLY A 21 -7.62 11.93 -28.43
N LEU A 22 -6.48 11.25 -28.20
CA LEU A 22 -5.20 11.94 -28.19
C LEU A 22 -4.86 12.56 -29.55
N LYS A 23 -5.02 11.79 -30.64
CA LYS A 23 -4.79 12.36 -31.96
C LYS A 23 -5.72 13.54 -32.21
N ARG A 24 -6.96 13.46 -31.72
CA ARG A 24 -7.91 14.56 -31.87
C ARG A 24 -7.42 15.83 -31.18
N VAL A 25 -6.94 15.72 -29.94
CA VAL A 25 -6.38 16.89 -29.24
C VAL A 25 -5.14 17.40 -29.96
N LEU A 26 -4.22 16.50 -30.29
CA LEU A 26 -2.99 16.90 -30.94
C LEU A 26 -3.25 17.70 -32.22
N ARG A 27 -4.22 17.27 -33.04
CA ARG A 27 -4.56 18.03 -34.25
C ARG A 27 -5.04 19.44 -33.91
N SER A 28 -5.86 19.58 -32.84
CA SER A 28 -6.34 20.89 -32.40
C SER A 28 -5.19 21.83 -32.08
N LEU A 29 -4.13 21.30 -31.48
CA LEU A 29 -2.96 22.11 -31.23
C LEU A 29 -2.29 22.51 -32.54
N GLN A 30 -2.14 21.57 -33.46
CA GLN A 30 -1.49 21.89 -34.73
C GLN A 30 -2.27 22.93 -35.53
N ALA A 31 -3.61 22.94 -35.45
CA ALA A 31 -4.36 23.99 -36.12
C ALA A 31 -4.49 25.27 -35.30
N HIS A 32 -3.90 25.34 -34.10
CA HIS A 32 -4.03 26.55 -33.31
C HIS A 32 -3.24 27.67 -33.96
N LYS A 33 -3.68 28.91 -33.74
CA LYS A 33 -3.00 30.01 -34.42
C LYS A 33 -1.62 30.28 -33.84
N MET A 34 -1.46 30.04 -32.54
CA MET A 34 -0.22 30.23 -31.78
C MET A 34 0.71 29.01 -31.77
N ALA A 35 0.44 27.97 -32.55
CA ALA A 35 1.28 26.79 -32.54
C ALA A 35 2.45 26.93 -33.50
N TRP A 36 2.53 28.05 -34.18
CA TRP A 36 3.48 28.14 -35.29
C TRP A 36 4.92 27.89 -34.83
N PRO A 37 5.27 28.07 -33.54
CA PRO A 37 6.65 27.78 -33.13
C PRO A 37 6.90 26.37 -32.60
N PHE A 38 5.88 25.51 -32.46
CA PHE A 38 6.08 24.17 -31.89
C PHE A 38 5.71 23.04 -32.84
N LEU A 39 5.32 23.36 -34.09
CA LEU A 39 4.90 22.32 -35.04
C LEU A 39 6.04 21.37 -35.43
N GLU A 40 7.28 21.84 -35.43
CA GLU A 40 8.43 21.04 -35.82
C GLU A 40 9.60 21.28 -34.86
N PRO A 41 10.73 20.59 -35.02
CA PRO A 41 11.85 20.78 -34.10
C PRO A 41 12.56 22.10 -34.29
N VAL A 42 13.19 22.56 -33.21
CA VAL A 42 14.09 23.69 -33.29
C VAL A 42 15.20 23.44 -34.31
N ASP A 43 15.45 24.45 -35.13
CA ASP A 43 16.50 24.37 -36.13
C ASP A 43 17.81 24.67 -35.43
N PRO A 44 18.79 23.77 -35.44
CA PRO A 44 20.09 24.11 -34.86
C PRO A 44 20.78 25.30 -35.52
N ASN A 45 20.29 25.86 -36.65
CA ASN A 45 20.94 27.05 -37.22
C ASN A 45 20.35 28.35 -36.69
N ASP A 46 19.03 28.38 -36.42
CA ASP A 46 18.47 29.49 -35.66
C ASP A 46 19.11 29.61 -34.28
N ALA A 47 19.73 28.54 -33.76
CA ALA A 47 20.16 28.55 -32.37
C ALA A 47 21.11 27.42 -31.99
N PRO A 48 22.35 27.40 -32.49
CA PRO A 48 23.36 26.51 -31.90
C PRO A 48 23.41 26.75 -30.41
N ASP A 49 23.75 25.72 -29.67
CA ASP A 49 23.63 25.64 -28.22
C ASP A 49 22.22 25.32 -27.78
N TYR A 50 21.22 25.31 -28.66
CA TYR A 50 19.90 24.93 -28.19
C TYR A 50 19.89 23.50 -27.69
N TYR A 51 20.26 22.56 -28.59
CA TYR A 51 20.32 21.15 -28.26
C TYR A 51 21.44 20.84 -27.29
N GLY A 52 22.36 21.76 -27.11
CA GLY A 52 23.37 21.59 -26.12
C GLY A 52 22.95 22.04 -24.74
N VAL A 53 21.93 22.87 -24.59
CA VAL A 53 21.55 23.38 -23.28
C VAL A 53 20.10 23.07 -22.92
N ILE A 54 19.34 22.50 -23.83
CA ILE A 54 18.07 21.85 -23.55
C ILE A 54 18.32 20.34 -23.50
N LYS A 55 18.17 19.72 -22.33
CA LYS A 55 18.43 18.29 -22.21
C LYS A 55 17.42 17.44 -23.02
N GLU A 56 16.12 17.78 -22.97
CA GLU A 56 15.08 17.02 -23.68
C GLU A 56 14.16 17.91 -24.53
N PRO A 57 14.57 18.25 -25.76
CA PRO A 57 13.71 19.07 -26.63
C PRO A 57 12.45 18.35 -27.07
N MET A 58 11.45 19.14 -27.45
CA MET A 58 10.19 18.55 -27.89
C MET A 58 9.42 19.44 -28.85
N ASP A 59 8.63 18.79 -29.70
CA ASP A 59 7.80 19.44 -30.72
C ASP A 59 6.55 18.60 -30.94
N LEU A 60 5.58 19.19 -31.63
CA LEU A 60 4.39 18.44 -32.01
C LEU A 60 4.64 17.54 -33.20
N ALA A 61 5.62 17.84 -34.03
CA ALA A 61 5.94 16.91 -35.09
C ALA A 61 6.31 15.56 -34.49
N THR A 62 7.09 15.59 -33.41
CA THR A 62 7.62 14.38 -32.79
C THR A 62 6.60 13.71 -31.91
N MET A 63 5.79 14.48 -31.18
CA MET A 63 4.66 13.94 -30.43
C MET A 63 3.63 13.26 -31.34
N GLU A 64 3.52 13.71 -32.59
CA GLU A 64 2.66 13.03 -33.56
C GLU A 64 3.20 11.64 -33.91
N GLU A 65 4.52 11.52 -34.12
CA GLU A 65 5.15 10.22 -34.29
C GLU A 65 4.75 9.31 -33.15
N ARG A 66 5.00 9.76 -31.92
CA ARG A 66 4.83 8.91 -30.75
C ARG A 66 3.36 8.54 -30.53
N VAL A 67 2.43 9.46 -30.79
CA VAL A 67 1.02 9.10 -30.70
C VAL A 67 0.60 8.10 -31.78
N GLN A 68 1.28 8.05 -32.91
CA GLN A 68 0.98 7.06 -33.95
C GLN A 68 1.76 5.77 -33.78
N ARG A 69 2.79 5.76 -32.94
CA ARG A 69 3.55 4.56 -32.63
C ARG A 69 3.17 3.95 -31.28
N ARG A 70 2.16 4.50 -30.61
CA ARG A 70 1.71 4.06 -29.29
C ARG A 70 2.89 3.92 -28.31
N TYR A 71 3.58 5.06 -28.09
CA TYR A 71 4.76 5.14 -27.22
C TYR A 71 4.34 5.24 -25.76
N TYR A 72 3.15 5.73 -25.50
CA TYR A 72 2.77 6.21 -24.20
C TYR A 72 1.89 5.14 -23.57
N GLU A 73 2.41 4.47 -22.54
CA GLU A 73 1.59 3.53 -21.80
C GLU A 73 0.57 4.28 -20.95
N LYS A 74 0.89 5.48 -20.50
CA LYS A 74 0.02 6.21 -19.60
C LYS A 74 -0.26 7.61 -20.12
N LEU A 75 -1.42 8.18 -19.73
CA LEU A 75 -1.69 9.58 -20.03
C LEU A 75 -0.62 10.48 -19.41
N THR A 76 0.12 9.94 -18.44
CA THR A 76 1.14 10.68 -17.73
C THR A 76 2.37 10.92 -18.62
N GLU A 77 2.86 9.89 -19.27
CA GLU A 77 4.00 10.08 -20.18
C GLU A 77 3.65 11.07 -21.29
N PHE A 78 2.38 11.19 -21.64
CA PHE A 78 2.01 12.10 -22.71
C PHE A 78 2.05 13.54 -22.23
N VAL A 79 1.49 13.81 -21.05
CA VAL A 79 1.42 15.17 -20.55
C VAL A 79 2.77 15.70 -20.13
N ALA A 80 3.72 14.82 -19.82
CA ALA A 80 5.10 15.26 -19.66
C ALA A 80 5.66 15.82 -20.97
N ASP A 81 5.83 14.95 -21.97
CA ASP A 81 6.37 15.36 -23.25
C ASP A 81 5.72 16.64 -23.82
N MET A 82 4.43 16.86 -23.58
CA MET A 82 3.80 18.11 -24.03
C MET A 82 4.40 19.31 -23.27
N THR A 83 4.37 19.25 -21.95
CA THR A 83 4.86 20.30 -21.09
C THR A 83 6.35 20.57 -21.29
N LYS A 84 7.15 19.58 -21.73
CA LYS A 84 8.48 19.91 -22.23
C LYS A 84 8.41 21.09 -23.21
N ILE A 85 7.51 21.01 -24.21
CA ILE A 85 7.51 21.97 -25.30
C ILE A 85 7.52 23.39 -24.75
N PHE A 86 6.76 23.64 -23.68
CA PHE A 86 6.59 24.95 -23.05
C PHE A 86 7.68 25.25 -22.00
N ASP A 87 7.84 24.39 -20.97
CA ASP A 87 8.95 24.55 -20.03
C ASP A 87 10.30 24.78 -20.73
N ASN A 88 10.53 24.15 -21.89
CA ASN A 88 11.79 24.32 -22.60
C ASN A 88 11.84 25.67 -23.31
N CYS A 89 10.68 26.11 -23.79
CA CYS A 89 10.56 27.37 -24.51
C CYS A 89 10.73 28.55 -23.57
N ARG A 90 10.00 28.54 -22.44
CA ARG A 90 10.18 29.56 -21.40
C ARG A 90 11.58 29.56 -20.78
N TYR A 91 12.22 28.40 -20.68
CA TYR A 91 13.54 28.35 -20.07
C TYR A 91 14.58 29.04 -20.93
N TYR A 92 14.59 28.74 -22.24
CA TYR A 92 15.65 29.21 -23.14
C TYR A 92 15.40 30.62 -23.68
N ASN A 93 14.14 31.04 -23.82
CA ASN A 93 13.81 32.38 -24.29
C ASN A 93 13.50 33.34 -23.14
N PRO A 94 13.44 34.63 -23.43
CA PRO A 94 13.17 35.63 -22.40
C PRO A 94 11.70 35.94 -22.25
N SER A 95 11.32 36.26 -21.00
CA SER A 95 9.91 36.40 -20.62
C SER A 95 9.14 37.33 -21.53
N ASP A 96 9.82 38.21 -22.24
CA ASP A 96 9.18 39.21 -23.08
C ASP A 96 9.24 38.87 -24.58
N SER A 97 9.57 37.63 -24.94
CA SER A 97 9.70 37.22 -26.33
C SER A 97 8.36 36.72 -26.86
N PRO A 98 8.12 36.77 -28.17
CA PRO A 98 6.89 36.13 -28.67
C PRO A 98 6.88 34.62 -28.43
N PHE A 99 7.97 33.94 -28.79
CA PHE A 99 8.09 32.50 -28.57
C PHE A 99 7.61 32.12 -27.17
N TYR A 100 7.92 32.93 -26.16
CA TYR A 100 7.47 32.68 -24.79
C TYR A 100 5.97 32.89 -24.69
N GLN A 101 5.49 34.00 -25.25
CA GLN A 101 4.06 34.31 -25.20
C GLN A 101 3.27 33.24 -25.91
N CYS A 102 3.78 32.76 -27.06
CA CYS A 102 3.09 31.73 -27.81
C CYS A 102 2.98 30.45 -27.01
N ALA A 103 3.97 30.19 -26.14
CA ALA A 103 3.91 29.02 -25.27
C ALA A 103 2.92 29.23 -24.13
N GLU A 104 2.86 30.43 -23.55
CA GLU A 104 1.93 30.61 -22.45
C GLU A 104 0.50 30.41 -22.94
N VAL A 105 0.19 30.97 -24.10
CA VAL A 105 -1.12 30.85 -24.75
C VAL A 105 -1.46 29.41 -25.09
N LEU A 106 -0.56 28.76 -25.82
CA LEU A 106 -0.84 27.39 -26.27
C LEU A 106 -0.95 26.43 -25.10
N GLU A 107 -0.28 26.72 -23.98
CA GLU A 107 -0.34 25.80 -22.86
C GLU A 107 -1.68 25.91 -22.15
N SER A 108 -2.20 27.14 -22.06
CA SER A 108 -3.52 27.34 -21.47
C SER A 108 -4.57 26.58 -22.27
N PHE A 109 -4.66 26.87 -23.57
CA PHE A 109 -5.43 26.09 -24.53
C PHE A 109 -5.27 24.60 -24.27
N PHE A 110 -4.03 24.11 -24.29
CA PHE A 110 -3.79 22.68 -24.14
C PHE A 110 -4.51 22.14 -22.92
N VAL A 111 -4.33 22.82 -21.78
CA VAL A 111 -4.93 22.42 -20.52
C VAL A 111 -6.45 22.26 -20.68
N GLN A 112 -7.08 23.22 -21.34
CA GLN A 112 -8.53 23.12 -21.59
C GLN A 112 -8.83 21.88 -22.45
N LYS A 113 -8.16 21.76 -23.60
CA LYS A 113 -8.32 20.57 -24.43
C LYS A 113 -7.91 19.31 -23.69
N LEU A 114 -7.04 19.43 -22.68
CA LEU A 114 -6.70 18.28 -21.86
C LEU A 114 -7.76 18.01 -20.81
N LYS A 115 -8.33 19.07 -20.19
CA LYS A 115 -9.42 18.89 -19.21
C LYS A 115 -10.60 18.13 -19.84
N GLY A 116 -10.95 18.46 -21.08
CA GLY A 116 -12.04 17.77 -21.77
C GLY A 116 -11.75 16.32 -22.04
N PHE A 117 -10.48 15.96 -22.20
CA PHE A 117 -10.08 14.57 -22.47
C PHE A 117 -10.07 13.72 -21.20
N LYS A 118 -9.63 14.29 -20.06
CA LYS A 118 -9.68 13.58 -18.78
C LYS A 118 -11.11 13.35 -18.33
N ALA A 119 -12.03 14.25 -18.70
CA ALA A 119 -13.44 14.07 -18.39
C ALA A 119 -14.10 13.01 -19.30
N SER A 120 -13.87 13.07 -20.62
CA SER A 120 -14.53 12.17 -21.56
C SER A 120 -13.99 10.74 -21.51
N ARG A 121 -12.97 10.49 -20.68
CA ARG A 121 -12.39 9.16 -20.51
C ARG A 121 -13.27 8.28 -19.62
N SER A 122 -13.78 8.88 -18.52
CA SER A 122 -14.40 8.23 -17.38
C SER A 122 -15.94 8.16 -17.47
N HIS A 123 -16.59 9.32 -17.52
CA HIS A 123 -18.03 9.35 -17.81
C HIS A 123 -18.25 9.68 -19.28
N ASP B 6 3.91 19.53 4.60
CA ASP B 6 5.22 20.25 4.97
C ASP B 6 6.51 19.64 4.40
N ALA B 7 7.34 20.48 3.78
CA ALA B 7 8.62 20.00 3.25
C ALA B 7 9.59 19.62 4.35
N MET B 8 9.52 20.32 5.47
CA MET B 8 10.58 20.16 6.45
C MET B 8 10.49 18.79 7.09
N THR B 9 9.25 18.32 7.28
CA THR B 9 9.01 17.07 7.97
C THR B 9 9.63 15.88 7.24
N VAL B 10 9.52 15.87 5.92
CA VAL B 10 9.98 14.77 5.10
C VAL B 10 11.49 14.79 4.91
N LEU B 11 12.08 15.99 4.84
CA LEU B 11 13.42 16.18 4.30
C LEU B 11 14.48 16.62 5.32
N THR B 12 14.15 17.44 6.31
CA THR B 12 15.20 17.87 7.24
C THR B 12 15.55 16.76 8.20
N PRO B 13 16.82 16.33 8.27
CA PRO B 13 17.19 15.31 9.25
C PRO B 13 16.99 15.81 10.67
N LEU B 14 16.77 14.85 11.55
CA LEU B 14 16.33 15.12 12.91
C LEU B 14 17.59 15.37 13.72
N THR B 15 17.73 16.61 14.21
CA THR B 15 18.86 17.03 15.03
C THR B 15 18.69 16.52 16.47
N GLU B 16 19.66 16.84 17.33
CA GLU B 16 19.52 16.47 18.73
C GLU B 16 18.56 17.39 19.46
N LYS B 17 18.52 18.67 19.06
CA LYS B 17 17.46 19.56 19.57
C LYS B 17 16.09 19.04 19.17
N ASP B 18 15.94 18.64 17.91
CA ASP B 18 14.72 17.95 17.53
C ASP B 18 14.38 16.90 18.57
N TYR B 19 15.27 15.90 18.73
CA TYR B 19 14.98 14.73 19.58
C TYR B 19 14.64 15.10 21.02
N GLU B 20 15.24 16.16 21.56
CA GLU B 20 14.87 16.62 22.90
C GLU B 20 13.35 16.61 23.05
N GLY B 21 12.65 17.39 22.22
CA GLY B 21 11.21 17.52 22.22
C GLY B 21 10.50 16.65 21.19
N LEU B 22 11.14 15.57 20.78
CA LEU B 22 10.39 14.37 20.47
C LEU B 22 10.05 13.61 21.74
N LYS B 23 10.96 13.62 22.74
CA LYS B 23 10.60 13.08 24.05
C LYS B 23 9.46 13.86 24.72
N ARG B 24 9.38 15.18 24.53
CA ARG B 24 8.28 15.89 25.18
C ARG B 24 6.93 15.44 24.63
N VAL B 25 6.79 15.49 23.29
CA VAL B 25 5.57 15.00 22.63
C VAL B 25 5.25 13.59 23.11
N LEU B 26 6.28 12.75 23.24
CA LEU B 26 6.05 11.36 23.63
C LEU B 26 5.56 11.27 25.07
N ARG B 27 6.15 12.05 25.97
CA ARG B 27 5.72 12.00 27.35
C ARG B 27 4.37 12.69 27.54
N SER B 28 4.09 13.75 26.77
CA SER B 28 2.79 14.39 26.88
C SER B 28 1.69 13.42 26.50
N LEU B 29 2.01 12.49 25.60
CA LEU B 29 1.11 11.40 25.28
C LEU B 29 1.09 10.35 26.37
N GLN B 30 2.24 10.04 26.95
CA GLN B 30 2.19 9.08 28.05
C GLN B 30 1.38 9.64 29.23
N ALA B 31 1.27 10.98 29.33
CA ALA B 31 0.49 11.60 30.41
C ALA B 31 -1.00 11.43 30.20
N HIS B 32 -1.46 11.60 28.96
CA HIS B 32 -2.87 11.73 28.62
C HIS B 32 -3.72 10.73 29.37
N LYS B 33 -4.98 11.09 29.55
CA LYS B 33 -5.92 10.35 30.38
C LYS B 33 -6.44 9.13 29.63
N MET B 34 -6.43 9.23 28.30
CA MET B 34 -6.92 8.21 27.40
C MET B 34 -5.79 7.38 26.78
N ALA B 35 -4.52 7.73 27.05
CA ALA B 35 -3.37 6.99 26.52
C ALA B 35 -3.22 5.60 27.12
N TRP B 36 -4.04 5.26 28.11
CA TRP B 36 -3.79 4.06 28.93
C TRP B 36 -3.66 2.75 28.17
N PRO B 37 -4.45 2.44 27.14
CA PRO B 37 -4.31 1.14 26.49
C PRO B 37 -3.15 1.05 25.49
N PHE B 38 -2.34 2.11 25.35
CA PHE B 38 -1.27 2.17 24.37
C PHE B 38 0.08 2.37 25.01
N LEU B 39 0.20 2.13 26.32
CA LEU B 39 1.44 2.39 27.04
C LEU B 39 2.46 1.28 26.83
N GLU B 40 1.99 0.09 26.61
CA GLU B 40 2.80 -1.10 26.57
C GLU B 40 2.29 -2.04 25.48
N PRO B 41 3.03 -3.09 25.19
CA PRO B 41 2.57 -4.00 24.16
C PRO B 41 1.35 -4.78 24.58
N VAL B 42 0.42 -4.92 23.63
CA VAL B 42 -0.72 -5.85 23.65
C VAL B 42 -0.26 -7.18 24.22
N ASP B 43 -1.02 -7.72 25.15
CA ASP B 43 -0.57 -8.94 25.83
C ASP B 43 -1.07 -10.15 25.06
N PRO B 44 -0.22 -11.09 24.68
CA PRO B 44 -0.72 -12.26 23.95
C PRO B 44 -1.82 -13.05 24.68
N ASN B 45 -1.87 -13.05 26.03
CA ASN B 45 -2.96 -13.71 26.77
C ASN B 45 -4.31 -13.00 26.65
N ASP B 46 -4.31 -11.67 26.51
CA ASP B 46 -5.53 -10.91 26.25
C ASP B 46 -6.12 -11.22 24.89
N ALA B 47 -5.27 -11.60 23.88
CA ALA B 47 -5.70 -11.74 22.49
C ALA B 47 -4.75 -12.63 21.65
N PRO B 48 -4.93 -13.96 21.76
CA PRO B 48 -4.05 -14.89 21.04
C PRO B 48 -3.88 -14.62 19.57
N ASP B 49 -4.89 -14.14 18.89
CA ASP B 49 -4.67 -13.88 17.48
C ASP B 49 -3.97 -12.56 17.23
N TYR B 50 -3.98 -11.63 18.18
CA TYR B 50 -3.53 -10.29 17.83
C TYR B 50 -2.23 -10.30 17.02
N TYR B 51 -1.16 -10.83 17.58
CA TYR B 51 0.13 -10.75 16.90
C TYR B 51 0.19 -11.53 15.58
N GLY B 52 -0.73 -12.46 15.33
CA GLY B 52 -0.80 -13.08 14.00
C GLY B 52 -1.52 -12.24 12.95
N VAL B 53 -2.55 -11.52 13.36
CA VAL B 53 -3.42 -10.78 12.47
C VAL B 53 -3.10 -9.30 12.43
N ILE B 54 -1.98 -8.89 13.03
CA ILE B 54 -1.55 -7.49 13.05
C ILE B 54 -0.08 -7.52 12.61
N LYS B 55 0.23 -6.83 11.51
CA LYS B 55 1.56 -7.06 10.94
C LYS B 55 2.64 -6.30 11.69
N GLU B 56 2.35 -5.10 12.19
CA GLU B 56 3.35 -4.34 12.94
C GLU B 56 2.71 -3.65 14.14
N PRO B 57 2.67 -4.31 15.31
CA PRO B 57 2.16 -3.68 16.53
C PRO B 57 3.04 -2.55 16.98
N MET B 58 2.44 -1.64 17.76
CA MET B 58 3.21 -0.55 18.31
C MET B 58 2.63 -0.09 19.65
N ASP B 59 3.44 0.67 20.36
CA ASP B 59 3.05 1.14 21.67
C ASP B 59 3.96 2.30 22.05
N LEU B 60 3.57 3.01 23.09
CA LEU B 60 4.37 4.15 23.49
C LEU B 60 5.64 3.70 24.17
N ALA B 61 5.64 2.55 24.83
CA ALA B 61 6.87 2.09 25.44
C ALA B 61 7.87 1.65 24.37
N THR B 62 7.43 0.85 23.40
CA THR B 62 8.38 0.47 22.34
C THR B 62 8.91 1.71 21.63
N MET B 63 8.15 2.80 21.58
CA MET B 63 8.60 3.99 20.90
C MET B 63 9.46 4.89 21.76
N GLU B 64 9.24 4.87 23.08
CA GLU B 64 10.16 5.51 24.01
C GLU B 64 11.56 4.93 23.87
N GLU B 65 11.66 3.60 23.78
CA GLU B 65 12.94 2.97 23.48
C GLU B 65 13.51 3.55 22.19
N ARG B 66 12.73 3.52 21.11
CA ARG B 66 13.23 3.93 19.80
C ARG B 66 13.64 5.40 19.80
N VAL B 67 12.89 6.27 20.49
CA VAL B 67 13.23 7.69 20.55
C VAL B 67 14.50 7.91 21.39
N GLN B 68 14.79 7.05 22.37
CA GLN B 68 16.03 7.21 23.12
C GLN B 68 17.24 6.75 22.31
N ARG B 69 17.15 5.60 21.63
CA ARG B 69 18.23 5.05 20.83
C ARG B 69 18.45 5.82 19.50
N ARG B 70 17.89 7.02 19.38
CA ARG B 70 18.05 7.86 18.18
C ARG B 70 17.83 7.05 16.89
N TYR B 71 16.65 6.43 16.82
CA TYR B 71 16.35 5.45 15.77
C TYR B 71 15.76 6.09 14.52
N TYR B 72 15.21 7.30 14.62
CA TYR B 72 14.44 7.92 13.55
C TYR B 72 15.29 8.97 12.82
N GLU B 73 15.55 8.74 11.53
CA GLU B 73 16.34 9.65 10.71
C GLU B 73 15.54 10.88 10.30
N LYS B 74 14.23 10.76 10.06
CA LYS B 74 13.40 11.91 9.75
C LYS B 74 12.16 11.89 10.63
N LEU B 75 11.54 13.08 10.79
CA LEU B 75 10.25 13.16 11.49
C LEU B 75 9.22 12.27 10.81
N THR B 76 9.37 12.07 9.51
CA THR B 76 8.47 11.23 8.75
C THR B 76 8.39 9.83 9.34
N GLU B 77 9.50 9.29 9.83
CA GLU B 77 9.50 7.93 10.35
C GLU B 77 8.84 7.87 11.72
N PHE B 78 8.91 8.96 12.48
CA PHE B 78 8.38 8.94 13.84
C PHE B 78 6.85 8.95 13.85
N VAL B 79 6.24 9.75 12.99
CA VAL B 79 4.79 9.82 12.90
C VAL B 79 4.23 8.54 12.30
N ALA B 80 4.97 7.90 11.40
CA ALA B 80 4.45 6.66 10.84
C ALA B 80 4.20 5.65 11.95
N ASP B 81 5.18 5.46 12.86
CA ASP B 81 5.03 4.46 13.93
C ASP B 81 3.96 4.86 14.94
N MET B 82 3.71 6.17 15.13
CA MET B 82 2.63 6.61 16.02
C MET B 82 1.26 6.24 15.42
N THR B 83 1.09 6.51 14.13
CA THR B 83 -0.19 6.26 13.51
C THR B 83 -0.43 4.77 13.32
N LYS B 84 0.62 3.93 13.36
CA LYS B 84 0.37 2.48 13.49
C LYS B 84 -0.47 2.19 14.73
N ILE B 85 -0.09 2.73 15.91
CA ILE B 85 -0.86 2.46 17.13
C ILE B 85 -2.35 2.67 16.91
N PHE B 86 -2.70 3.78 16.25
CA PHE B 86 -4.10 4.16 16.01
C PHE B 86 -4.71 3.45 14.80
N ASP B 87 -3.94 3.13 13.77
CA ASP B 87 -4.52 2.31 12.72
C ASP B 87 -4.72 0.86 13.19
N ASN B 88 -3.73 0.27 13.87
CA ASN B 88 -3.86 -1.14 14.22
C ASN B 88 -5.04 -1.34 15.15
N CYS B 89 -5.39 -0.28 15.89
CA CYS B 89 -6.39 -0.37 16.95
C CYS B 89 -7.81 -0.34 16.36
N ARG B 90 -8.12 0.71 15.60
CA ARG B 90 -9.36 0.77 14.86
C ARG B 90 -9.54 -0.45 13.95
N TYR B 91 -8.45 -1.01 13.41
CA TYR B 91 -8.59 -2.18 12.55
C TYR B 91 -8.98 -3.40 13.37
N TYR B 92 -8.24 -3.71 14.44
CA TYR B 92 -8.51 -4.91 15.22
C TYR B 92 -9.81 -4.83 16.04
N ASN B 93 -10.10 -3.67 16.67
CA ASN B 93 -11.25 -3.58 17.58
C ASN B 93 -12.46 -2.99 16.90
N PRO B 94 -13.64 -3.19 17.50
CA PRO B 94 -14.87 -2.64 16.93
C PRO B 94 -15.00 -1.14 17.10
N SER B 95 -15.70 -0.54 16.14
CA SER B 95 -15.91 0.92 16.13
C SER B 95 -16.51 1.46 17.43
N ASP B 96 -17.22 0.64 18.19
CA ASP B 96 -17.88 1.07 19.41
C ASP B 96 -17.15 0.63 20.66
N SER B 97 -15.95 0.23 20.54
CA SER B 97 -15.18 -0.21 21.69
C SER B 97 -14.44 0.97 22.32
N PRO B 98 -14.10 0.85 23.59
CA PRO B 98 -13.28 1.87 24.24
C PRO B 98 -11.93 2.12 23.55
N PHE B 99 -11.16 1.05 23.43
CA PHE B 99 -9.88 1.06 22.76
C PHE B 99 -10.05 1.84 21.47
N TYR B 100 -11.16 1.64 20.76
CA TYR B 100 -11.34 2.34 19.49
C TYR B 100 -11.49 3.84 19.73
N GLN B 101 -12.28 4.24 20.75
CA GLN B 101 -12.46 5.67 20.99
C GLN B 101 -11.17 6.30 21.51
N CYS B 102 -10.41 5.55 22.33
CA CYS B 102 -9.17 6.10 22.84
C CYS B 102 -8.20 6.43 21.70
N ALA B 103 -8.17 5.61 20.67
CA ALA B 103 -7.36 5.98 19.52
C ALA B 103 -7.91 7.23 18.85
N GLU B 104 -9.24 7.34 18.75
CA GLU B 104 -9.83 8.52 18.14
C GLU B 104 -9.42 9.76 18.92
N VAL B 105 -9.51 9.65 20.24
CA VAL B 105 -9.26 10.77 21.12
C VAL B 105 -7.79 11.07 21.18
N LEU B 106 -6.97 10.04 21.31
CA LEU B 106 -5.55 10.24 21.52
C LEU B 106 -4.85 10.65 20.24
N GLU B 107 -5.17 10.03 19.10
CA GLU B 107 -4.57 10.49 17.85
C GLU B 107 -4.92 11.95 17.62
N SER B 108 -6.18 12.30 17.85
CA SER B 108 -6.62 13.66 17.60
C SER B 108 -5.79 14.62 18.40
N PHE B 109 -5.39 14.20 19.62
CA PHE B 109 -4.52 15.00 20.50
C PHE B 109 -3.08 14.98 20.04
N PHE B 110 -2.54 13.79 19.76
CA PHE B 110 -1.21 13.71 19.18
C PHE B 110 -1.11 14.68 18.03
N VAL B 111 -2.12 14.68 17.17
CA VAL B 111 -2.12 15.54 15.99
C VAL B 111 -1.83 16.98 16.38
N GLN B 112 -2.41 17.45 17.49
CA GLN B 112 -2.20 18.85 17.89
C GLN B 112 -0.82 19.08 18.50
N LYS B 113 -0.39 18.20 19.41
CA LYS B 113 1.01 18.20 19.82
C LYS B 113 1.93 18.14 18.61
N LEU B 114 1.56 17.38 17.59
CA LEU B 114 2.42 17.29 16.42
C LEU B 114 2.37 18.58 15.56
N LYS B 115 1.22 19.27 15.52
CA LYS B 115 1.17 20.58 14.87
C LYS B 115 2.13 21.54 15.55
N GLY B 116 2.09 21.59 16.89
CA GLY B 116 2.90 22.51 17.64
C GLY B 116 4.39 22.27 17.51
N PHE B 117 4.79 21.02 17.34
CA PHE B 117 6.20 20.68 17.13
C PHE B 117 6.65 20.94 15.70
N LYS B 118 5.76 20.78 14.71
CA LYS B 118 6.11 21.11 13.34
C LYS B 118 6.38 22.59 13.15
N ALA B 119 5.74 23.44 13.95
CA ALA B 119 6.04 24.88 13.91
C ALA B 119 7.14 25.31 14.88
N SER B 120 7.40 24.53 15.94
CA SER B 120 8.58 24.77 16.79
C SER B 120 9.88 24.50 16.05
N ARG B 121 9.80 23.91 14.86
CA ARG B 121 10.93 23.49 14.06
C ARG B 121 11.25 24.48 12.94
N SER B 122 10.18 25.00 12.29
CA SER B 122 10.30 26.01 11.22
C SER B 122 11.19 27.17 11.63
N HIS B 123 11.08 27.59 12.91
CA HIS B 123 11.90 28.65 13.49
C HIS B 123 13.08 28.05 14.27
N ASP C 6 -12.77 -46.22 2.29
CA ASP C 6 -13.94 -47.05 2.75
C ASP C 6 -15.27 -46.31 2.77
N ALA C 7 -16.25 -47.01 2.20
CA ALA C 7 -17.65 -46.57 2.26
C ALA C 7 -18.11 -46.35 3.68
N MET C 8 -17.63 -47.20 4.61
CA MET C 8 -18.17 -47.16 5.95
C MET C 8 -17.78 -45.87 6.65
N THR C 9 -16.53 -45.48 6.46
CA THR C 9 -15.96 -44.37 7.19
C THR C 9 -16.72 -43.10 6.92
N VAL C 10 -17.35 -43.02 5.77
CA VAL C 10 -17.99 -41.79 5.34
C VAL C 10 -19.44 -41.74 5.76
N LEU C 11 -20.07 -42.90 5.65
CA LEU C 11 -21.52 -43.11 5.59
C LEU C 11 -22.14 -43.70 6.84
N THR C 12 -21.46 -44.65 7.50
CA THR C 12 -22.03 -45.45 8.59
C THR C 12 -21.92 -44.79 9.97
N PRO C 13 -22.99 -44.21 10.48
CA PRO C 13 -22.88 -43.39 11.68
C PRO C 13 -22.24 -44.15 12.83
N LEU C 14 -21.58 -43.38 13.69
CA LEU C 14 -20.85 -43.95 14.80
C LEU C 14 -21.83 -44.26 15.92
N THR C 15 -21.76 -45.49 16.40
CA THR C 15 -22.56 -46.04 17.48
C THR C 15 -21.75 -46.04 18.78
N GLU C 16 -22.24 -46.70 19.82
CA GLU C 16 -21.51 -46.70 21.09
C GLU C 16 -20.27 -47.57 21.04
N LYS C 17 -20.39 -48.81 20.54
CA LYS C 17 -19.21 -49.64 20.42
C LYS C 17 -18.19 -48.96 19.52
N ASP C 18 -18.68 -48.18 18.54
CA ASP C 18 -17.81 -47.32 17.76
C ASP C 18 -17.04 -46.37 18.68
N TYR C 19 -17.77 -45.59 19.49
CA TYR C 19 -17.14 -44.56 20.32
C TYR C 19 -16.18 -45.14 21.34
N GLU C 20 -16.28 -46.43 21.60
CA GLU C 20 -15.38 -47.05 22.55
C GLU C 20 -14.05 -47.32 21.89
N GLY C 21 -14.06 -47.88 20.68
CA GLY C 21 -12.82 -47.92 19.90
C GLY C 21 -12.23 -46.54 19.64
N LEU C 22 -13.07 -45.52 19.44
CA LEU C 22 -12.56 -44.16 19.33
C LEU C 22 -11.75 -43.78 20.55
N LYS C 23 -12.27 -44.05 21.75
CA LYS C 23 -11.52 -43.69 22.95
C LYS C 23 -10.23 -44.53 23.10
N ARG C 24 -10.25 -45.79 22.72
CA ARG C 24 -9.01 -46.61 22.77
C ARG C 24 -7.92 -46.02 21.86
N VAL C 25 -8.30 -45.66 20.63
CA VAL C 25 -7.38 -45.05 19.69
C VAL C 25 -6.79 -43.76 20.27
N LEU C 26 -7.65 -42.95 20.91
CA LEU C 26 -7.20 -41.64 21.37
C LEU C 26 -6.21 -41.78 22.50
N ARG C 27 -6.43 -42.73 23.38
CA ARG C 27 -5.52 -42.87 24.50
C ARG C 27 -4.19 -43.47 24.04
N SER C 28 -4.22 -44.38 23.05
CA SER C 28 -2.98 -44.90 22.45
C SER C 28 -2.10 -43.75 21.99
N LEU C 29 -2.73 -42.69 21.49
CA LEU C 29 -1.99 -41.51 21.03
C LEU C 29 -1.47 -40.73 22.20
N GLN C 30 -2.30 -40.59 23.21
CA GLN C 30 -1.93 -39.82 24.38
C GLN C 30 -0.79 -40.49 25.12
N ALA C 31 -0.68 -41.82 24.99
CA ALA C 31 0.42 -42.61 25.54
C ALA C 31 1.72 -42.48 24.78
N HIS C 32 1.68 -42.03 23.55
CA HIS C 32 2.82 -42.25 22.70
C HIS C 32 3.99 -41.44 23.19
N LYS C 33 5.17 -42.03 23.05
CA LYS C 33 6.44 -41.36 23.36
C LYS C 33 6.50 -39.97 22.74
N MET C 34 5.78 -39.74 21.66
CA MET C 34 5.96 -38.53 20.88
C MET C 34 4.70 -37.72 20.81
N ALA C 35 3.69 -38.10 21.57
CA ALA C 35 2.49 -37.29 21.55
C ALA C 35 2.69 -35.98 22.29
N TRP C 36 3.85 -35.78 22.91
CA TRP C 36 3.95 -34.68 23.86
C TRP C 36 3.59 -33.31 23.28
N PRO C 37 3.96 -32.92 22.05
CA PRO C 37 3.62 -31.55 21.57
C PRO C 37 2.14 -31.31 21.35
N PHE C 38 1.33 -32.39 21.23
CA PHE C 38 -0.07 -32.30 20.83
C PHE C 38 -1.03 -32.63 21.95
N LEU C 39 -0.55 -32.80 23.18
CA LEU C 39 -1.42 -33.23 24.27
C LEU C 39 -2.40 -32.15 24.69
N GLU C 40 -2.06 -30.87 24.46
CA GLU C 40 -2.83 -29.74 24.98
C GLU C 40 -2.71 -28.57 24.01
N PRO C 41 -3.54 -27.55 24.17
CA PRO C 41 -3.47 -26.43 23.25
C PRO C 41 -2.15 -25.70 23.29
N VAL C 42 -1.73 -25.26 22.09
CA VAL C 42 -0.56 -24.42 21.92
C VAL C 42 -0.71 -23.18 22.77
N ASP C 43 0.33 -22.85 23.53
CA ASP C 43 0.32 -21.70 24.40
C ASP C 43 0.62 -20.38 23.69
N PRO C 44 -0.33 -19.46 23.59
CA PRO C 44 -0.03 -18.16 22.99
C PRO C 44 1.18 -17.40 23.56
N ASN C 45 1.73 -17.78 24.71
CA ASN C 45 2.93 -17.08 25.20
C ASN C 45 4.19 -17.62 24.53
N ASP C 46 4.18 -18.91 24.21
CA ASP C 46 5.20 -19.53 23.36
C ASP C 46 5.23 -18.92 21.96
N ALA C 47 4.07 -18.53 21.42
CA ALA C 47 3.94 -18.21 19.99
C ALA C 47 2.78 -17.23 19.77
N PRO C 48 3.00 -15.94 20.09
CA PRO C 48 1.98 -14.91 19.85
C PRO C 48 1.26 -14.94 18.52
N ASP C 49 1.93 -15.20 17.42
CA ASP C 49 1.17 -15.22 16.18
C ASP C 49 0.42 -16.53 15.96
N TYR C 50 0.73 -17.60 16.68
CA TYR C 50 0.12 -18.87 16.32
C TYR C 50 -1.36 -18.73 16.06
N TYR C 51 -2.12 -18.34 17.07
CA TYR C 51 -3.57 -18.33 17.00
C TYR C 51 -4.12 -17.36 15.99
N GLY C 52 -3.30 -16.47 15.48
CA GLY C 52 -3.76 -15.61 14.41
C GLY C 52 -3.36 -16.07 13.03
N VAL C 53 -2.56 -17.11 12.91
CA VAL C 53 -2.04 -17.55 11.62
C VAL C 53 -2.38 -18.99 11.34
N ILE C 54 -3.17 -19.63 12.21
CA ILE C 54 -3.62 -21.01 12.08
C ILE C 54 -5.12 -20.95 12.29
N LYS C 55 -5.90 -21.31 11.27
CA LYS C 55 -7.31 -21.04 11.37
C LYS C 55 -8.00 -22.03 12.29
N GLU C 56 -7.51 -23.24 12.43
CA GLU C 56 -8.18 -24.20 13.30
C GLU C 56 -7.19 -25.08 14.08
N PRO C 57 -6.65 -24.54 15.18
CA PRO C 57 -5.70 -25.31 16.00
C PRO C 57 -6.36 -26.55 16.58
N MET C 58 -5.55 -27.47 17.06
CA MET C 58 -6.16 -28.64 17.67
C MET C 58 -5.17 -29.38 18.56
N ASP C 59 -5.73 -30.24 19.39
CA ASP C 59 -4.90 -30.88 20.39
C ASP C 59 -5.59 -32.17 20.74
N LEU C 60 -4.83 -33.08 21.36
CA LEU C 60 -5.47 -34.29 21.81
C LEU C 60 -6.37 -34.04 22.99
N ALA C 61 -6.13 -32.99 23.76
CA ALA C 61 -7.02 -32.71 24.87
C ALA C 61 -8.40 -32.26 24.36
N THR C 62 -8.44 -31.17 23.58
CA THR C 62 -9.71 -30.71 23.02
C THR C 62 -10.47 -31.83 22.34
N MET C 63 -9.76 -32.74 21.70
CA MET C 63 -10.45 -33.86 21.08
C MET C 63 -10.98 -34.85 22.10
N GLU C 64 -10.31 -35.06 23.24
CA GLU C 64 -10.83 -36.02 24.23
C GLU C 64 -12.16 -35.52 24.79
N GLU C 65 -12.28 -34.22 25.02
CA GLU C 65 -13.59 -33.64 25.30
C GLU C 65 -14.58 -34.00 24.20
N ARG C 66 -14.22 -33.71 22.95
CA ARG C 66 -15.14 -33.89 21.84
C ARG C 66 -15.61 -35.34 21.75
N VAL C 67 -14.73 -36.30 22.07
CA VAL C 67 -15.10 -37.71 22.09
C VAL C 67 -16.00 -38.02 23.28
N GLN C 68 -15.83 -37.34 24.41
CA GLN C 68 -16.73 -37.63 25.53
C GLN C 68 -18.13 -37.06 25.24
N ARG C 69 -18.20 -35.80 24.82
CA ARG C 69 -19.44 -35.15 24.39
C ARG C 69 -20.18 -35.84 23.23
N ARG C 70 -19.67 -36.97 22.71
CA ARG C 70 -20.15 -37.62 21.47
C ARG C 70 -20.46 -36.59 20.38
N TYR C 71 -19.40 -35.89 19.99
CA TYR C 71 -19.47 -34.74 19.08
C TYR C 71 -19.49 -35.17 17.63
N TYR C 72 -18.93 -36.34 17.33
CA TYR C 72 -18.71 -36.78 15.96
C TYR C 72 -19.82 -37.73 15.50
N GLU C 73 -20.51 -37.37 14.41
CA GLU C 73 -21.55 -38.24 13.84
C GLU C 73 -20.96 -39.33 12.95
N LYS C 74 -19.99 -38.96 12.08
CA LYS C 74 -19.27 -39.93 11.27
C LYS C 74 -17.78 -40.00 11.65
N LEU C 75 -17.17 -41.16 11.39
CA LEU C 75 -15.73 -41.31 11.56
C LEU C 75 -14.98 -40.31 10.72
N THR C 76 -15.63 -39.80 9.69
CA THR C 76 -15.01 -38.82 8.83
C THR C 76 -14.60 -37.57 9.60
N GLU C 77 -15.44 -37.11 10.53
CA GLU C 77 -15.08 -35.88 11.20
C GLU C 77 -14.01 -36.11 12.29
N PHE C 78 -13.98 -37.29 12.89
CA PHE C 78 -12.94 -37.52 13.90
C PHE C 78 -11.56 -37.48 13.26
N VAL C 79 -11.39 -38.17 12.13
CA VAL C 79 -10.14 -38.16 11.36
C VAL C 79 -9.78 -36.76 10.88
N ALA C 80 -10.77 -35.99 10.42
CA ALA C 80 -10.45 -34.64 9.98
C ALA C 80 -9.75 -33.87 11.09
N ASP C 81 -10.42 -33.71 12.27
CA ASP C 81 -9.87 -32.91 13.37
C ASP C 81 -8.50 -33.42 13.80
N MET C 82 -8.23 -34.73 13.67
CA MET C 82 -6.90 -35.25 13.99
C MET C 82 -5.88 -34.83 12.93
N THR C 83 -6.24 -34.90 11.66
CA THR C 83 -5.24 -34.54 10.70
C THR C 83 -4.94 -33.04 10.80
N LYS C 84 -5.88 -32.23 11.32
CA LYS C 84 -5.55 -30.82 11.63
C LYS C 84 -4.27 -30.71 12.49
N ILE C 85 -4.14 -31.52 13.53
CA ILE C 85 -2.99 -31.39 14.44
C ILE C 85 -1.68 -31.43 13.67
N PHE C 86 -1.50 -32.47 12.85
CA PHE C 86 -0.28 -32.69 12.05
C PHE C 86 -0.13 -31.74 10.86
N ASP C 87 -1.22 -31.47 10.13
CA ASP C 87 -1.18 -30.42 9.12
C ASP C 87 -0.83 -29.04 9.71
N ASN C 88 -1.57 -28.58 10.72
CA ASN C 88 -1.23 -27.26 11.28
C ASN C 88 0.22 -27.21 11.77
N CYS C 89 0.80 -28.36 12.18
CA CYS C 89 2.15 -28.36 12.77
C CYS C 89 3.21 -28.27 11.69
N ARG C 90 3.13 -29.16 10.69
CA ARG C 90 4.01 -29.04 9.53
C ARG C 90 3.88 -27.66 8.86
N TYR C 91 2.69 -27.06 8.89
CA TYR C 91 2.55 -25.76 8.26
C TYR C 91 3.30 -24.71 9.07
N TYR C 92 2.98 -24.58 10.35
CA TYR C 92 3.59 -23.54 11.16
C TYR C 92 5.09 -23.76 11.32
N ASN C 93 5.56 -24.98 11.43
CA ASN C 93 6.92 -25.15 11.99
C ASN C 93 7.91 -25.55 10.91
N PRO C 94 9.18 -25.30 11.15
CA PRO C 94 10.20 -25.71 10.19
C PRO C 94 10.35 -27.22 10.12
N SER C 95 10.66 -27.69 8.93
CA SER C 95 10.66 -29.12 8.65
C SER C 95 11.76 -29.88 9.39
N ASP C 96 12.83 -29.17 9.74
CA ASP C 96 13.93 -29.77 10.46
C ASP C 96 13.72 -29.69 11.94
N SER C 97 12.52 -29.28 12.36
CA SER C 97 12.17 -29.09 13.77
C SER C 97 11.67 -30.39 14.43
N PRO C 98 11.73 -30.46 15.74
CA PRO C 98 11.23 -31.66 16.40
C PRO C 98 9.72 -31.75 16.34
N PHE C 99 9.04 -30.64 16.54
CA PHE C 99 7.59 -30.69 16.43
C PHE C 99 7.18 -31.23 15.07
N TYR C 100 7.83 -30.78 13.99
CA TYR C 100 7.56 -31.34 12.67
C TYR C 100 7.80 -32.85 12.65
N GLN C 101 8.96 -33.30 13.16
CA GLN C 101 9.21 -34.73 13.15
C GLN C 101 8.18 -35.50 13.99
N CYS C 102 7.72 -34.89 15.09
CA CYS C 102 6.80 -35.58 15.99
C CYS C 102 5.46 -35.78 15.31
N ALA C 103 5.00 -34.79 14.54
CA ALA C 103 3.78 -35.00 13.76
C ALA C 103 3.98 -36.05 12.69
N GLU C 104 5.16 -36.07 12.09
CA GLU C 104 5.39 -37.08 11.05
C GLU C 104 5.27 -38.47 11.66
N VAL C 105 5.83 -38.64 12.85
CA VAL C 105 5.82 -39.96 13.44
C VAL C 105 4.47 -40.30 13.97
N LEU C 106 3.95 -39.40 14.79
CA LEU C 106 2.67 -39.67 15.40
C LEU C 106 1.61 -39.95 14.33
N GLU C 107 1.59 -39.18 13.25
CA GLU C 107 0.50 -39.38 12.31
C GLU C 107 0.61 -40.76 11.68
N SER C 108 1.83 -41.16 11.37
CA SER C 108 1.99 -42.48 10.78
C SER C 108 1.50 -43.51 11.76
N PHE C 109 1.71 -43.26 13.05
CA PHE C 109 1.18 -44.12 14.11
C PHE C 109 -0.35 -44.11 14.09
N PHE C 110 -0.95 -42.91 14.18
CA PHE C 110 -2.38 -42.76 14.15
C PHE C 110 -2.93 -43.62 13.05
N VAL C 111 -2.21 -43.61 11.94
CA VAL C 111 -2.72 -44.21 10.73
C VAL C 111 -2.82 -45.70 10.90
N GLN C 112 -1.80 -46.33 11.47
CA GLN C 112 -1.90 -47.78 11.73
C GLN C 112 -3.00 -48.07 12.73
N LYS C 113 -3.09 -47.26 13.77
CA LYS C 113 -4.16 -47.44 14.71
C LYS C 113 -5.50 -47.16 14.04
N LEU C 114 -5.56 -46.16 13.16
CA LEU C 114 -6.81 -45.91 12.46
C LEU C 114 -7.16 -47.06 11.51
N LYS C 115 -6.16 -47.66 10.85
CA LYS C 115 -6.45 -48.80 10.00
C LYS C 115 -7.13 -49.87 10.83
N GLY C 116 -6.45 -50.30 11.90
CA GLY C 116 -7.00 -51.31 12.78
C GLY C 116 -8.47 -51.07 13.10
N PHE C 117 -8.77 -49.88 13.59
CA PHE C 117 -10.13 -49.51 13.91
C PHE C 117 -11.09 -49.68 12.75
N LYS C 118 -10.64 -49.50 11.53
CA LYS C 118 -11.57 -49.58 10.41
C LYS C 118 -11.96 -51.02 10.11
N ALA C 119 -11.04 -51.97 10.24
CA ALA C 119 -11.43 -53.37 10.10
C ALA C 119 -12.07 -53.95 11.38
N SER C 120 -11.86 -53.33 12.54
CA SER C 120 -12.57 -53.72 13.77
C SER C 120 -14.05 -53.28 13.74
N ARG C 121 -14.45 -52.81 12.58
CA ARG C 121 -15.73 -52.16 12.32
C ARG C 121 -16.48 -52.79 11.15
N SER C 122 -15.76 -53.22 10.10
CA SER C 122 -16.34 -53.60 8.80
C SER C 122 -16.98 -54.99 8.79
N HIS C 123 -17.21 -55.56 9.97
CA HIS C 123 -17.79 -56.89 10.07
C HIS C 123 -19.19 -56.77 10.70
N ASP D 6 -0.83 49.14 -16.13
CA ASP D 6 -0.50 49.39 -17.55
C ASP D 6 0.90 48.88 -17.81
N ALA D 7 1.40 49.08 -19.02
CA ALA D 7 2.84 49.14 -19.17
C ALA D 7 3.27 50.59 -19.34
N MET D 8 3.10 51.27 -18.22
CA MET D 8 4.13 52.08 -17.63
C MET D 8 5.11 51.20 -16.83
N THR D 9 4.86 49.89 -16.82
CA THR D 9 5.78 48.88 -16.31
C THR D 9 7.14 48.97 -16.97
N VAL D 10 7.13 49.16 -18.29
CA VAL D 10 8.32 49.16 -19.14
C VAL D 10 9.04 50.50 -19.05
N LEU D 11 8.27 51.57 -19.10
CA LEU D 11 8.73 52.90 -19.40
C LEU D 11 8.99 53.76 -18.18
N THR D 12 8.16 53.63 -17.12
CA THR D 12 8.11 54.57 -15.99
C THR D 12 9.03 54.11 -14.86
N PRO D 13 10.21 54.70 -14.76
CA PRO D 13 11.16 54.28 -13.71
C PRO D 13 10.50 54.14 -12.36
N LEU D 14 11.12 53.27 -11.57
CA LEU D 14 10.67 52.96 -10.21
C LEU D 14 11.15 54.07 -9.29
N THR D 15 10.20 54.78 -8.67
CA THR D 15 10.47 55.80 -7.67
C THR D 15 10.69 55.12 -6.30
N GLU D 16 10.72 55.90 -5.22
CA GLU D 16 10.94 55.34 -3.89
C GLU D 16 9.69 54.65 -3.35
N LYS D 17 8.55 55.30 -3.49
CA LYS D 17 7.27 54.69 -3.14
C LYS D 17 7.02 53.42 -3.93
N ASP D 18 7.48 53.38 -5.19
CA ASP D 18 7.51 52.15 -5.96
C ASP D 18 8.24 51.06 -5.16
N TYR D 19 9.50 51.32 -4.80
CA TYR D 19 10.29 50.34 -4.07
C TYR D 19 9.65 49.92 -2.76
N GLU D 20 8.68 50.68 -2.27
CA GLU D 20 7.91 50.29 -1.09
C GLU D 20 7.18 48.97 -1.29
N GLY D 21 6.17 48.98 -2.17
CA GLY D 21 5.46 47.77 -2.50
C GLY D 21 6.31 46.71 -3.18
N LEU D 22 7.41 47.09 -3.85
CA LEU D 22 8.37 46.08 -4.29
C LEU D 22 8.88 45.27 -3.11
N LYS D 23 9.32 45.95 -2.02
CA LYS D 23 9.70 45.17 -0.85
C LYS D 23 8.47 44.45 -0.23
N ARG D 24 7.30 45.09 -0.19
CA ARG D 24 6.15 44.44 0.45
C ARG D 24 5.71 43.21 -0.33
N VAL D 25 5.61 43.32 -1.66
CA VAL D 25 5.32 42.18 -2.52
C VAL D 25 6.30 41.05 -2.28
N LEU D 26 7.54 41.36 -1.91
CA LEU D 26 8.53 40.33 -1.67
C LEU D 26 8.33 39.66 -0.32
N ARG D 27 8.02 40.43 0.72
CA ARG D 27 7.73 39.82 2.00
C ARG D 27 6.60 38.81 1.86
N SER D 28 5.60 39.15 1.03
CA SER D 28 4.42 38.28 0.83
C SER D 28 4.79 36.98 0.13
N LEU D 29 5.79 36.99 -0.77
CA LEU D 29 6.26 35.75 -1.36
C LEU D 29 7.12 34.99 -0.37
N GLN D 30 7.75 35.70 0.55
CA GLN D 30 8.57 35.04 1.54
C GLN D 30 7.72 34.36 2.59
N ALA D 31 6.51 34.88 2.79
CA ALA D 31 5.56 34.30 3.75
C ALA D 31 4.95 32.98 3.26
N HIS D 32 4.60 32.90 1.98
CA HIS D 32 3.77 31.80 1.49
C HIS D 32 4.23 30.47 2.02
N LYS D 33 3.26 29.60 2.32
CA LYS D 33 3.62 28.28 2.82
C LYS D 33 4.35 27.49 1.75
N MET D 34 4.26 27.96 0.54
CA MET D 34 4.81 27.30 -0.61
C MET D 34 6.09 27.95 -1.09
N ALA D 35 6.48 29.08 -0.49
CA ALA D 35 7.69 29.77 -0.89
C ALA D 35 8.97 29.04 -0.47
N TRP D 36 8.87 28.03 0.41
CA TRP D 36 10.06 27.41 0.99
C TRP D 36 11.12 26.98 -0.04
N PRO D 37 10.75 26.51 -1.25
CA PRO D 37 11.78 25.96 -2.16
C PRO D 37 12.72 27.01 -2.72
N PHE D 38 12.26 28.25 -2.83
CA PHE D 38 13.06 29.33 -3.38
C PHE D 38 13.35 30.43 -2.35
N LEU D 39 13.33 30.12 -1.05
CA LEU D 39 13.67 31.13 -0.05
C LEU D 39 15.13 31.51 -0.12
N GLU D 40 16.01 30.57 -0.50
CA GLU D 40 17.45 30.78 -0.53
C GLU D 40 18.08 30.16 -1.77
N PRO D 41 19.34 30.42 -2.09
CA PRO D 41 19.94 29.79 -3.27
C PRO D 41 20.09 28.28 -3.14
N VAL D 42 20.11 27.62 -4.33
CA VAL D 42 20.15 26.15 -4.43
C VAL D 42 21.47 25.64 -3.87
N ASP D 43 21.39 24.63 -3.04
CA ASP D 43 22.62 24.08 -2.53
C ASP D 43 23.19 23.09 -3.54
N PRO D 44 24.44 23.24 -3.97
CA PRO D 44 25.04 22.24 -4.84
C PRO D 44 25.57 20.98 -4.15
N ASN D 45 25.30 20.72 -2.87
CA ASN D 45 25.42 19.36 -2.38
C ASN D 45 24.20 18.54 -2.79
N ASP D 46 22.99 19.04 -2.47
CA ASP D 46 21.74 18.56 -3.06
C ASP D 46 21.86 18.22 -4.55
N ALA D 47 22.48 19.08 -5.38
CA ALA D 47 22.41 18.95 -6.84
C ALA D 47 23.65 19.51 -7.56
N PRO D 48 24.78 18.75 -7.56
CA PRO D 48 26.01 19.22 -8.21
C PRO D 48 25.83 19.92 -9.54
N ASP D 49 25.13 19.25 -10.47
CA ASP D 49 25.02 19.78 -11.83
C ASP D 49 24.08 20.98 -11.94
N TYR D 50 23.37 21.36 -10.88
CA TYR D 50 22.47 22.50 -10.99
C TYR D 50 23.18 23.69 -11.62
N TYR D 51 24.18 24.23 -10.91
CA TYR D 51 24.80 25.49 -11.27
C TYR D 51 25.48 25.44 -12.61
N GLY D 52 25.77 24.26 -13.12
CA GLY D 52 26.27 24.14 -14.46
C GLY D 52 25.22 24.08 -15.55
N VAL D 53 23.96 23.81 -15.20
CA VAL D 53 22.95 23.59 -16.22
C VAL D 53 21.81 24.59 -16.15
N ILE D 54 21.63 25.30 -15.04
CA ILE D 54 20.76 26.46 -14.99
C ILE D 54 21.63 27.70 -15.17
N LYS D 55 21.33 28.49 -16.21
CA LYS D 55 22.17 29.62 -16.59
C LYS D 55 22.11 30.75 -15.57
N GLU D 56 20.91 31.21 -15.20
CA GLU D 56 20.78 32.32 -14.25
C GLU D 56 19.92 31.89 -13.06
N PRO D 57 20.52 31.17 -12.09
CA PRO D 57 19.78 30.76 -10.89
C PRO D 57 19.13 31.95 -10.24
N MET D 58 18.06 31.75 -9.49
CA MET D 58 17.52 32.86 -8.70
C MET D 58 16.80 32.35 -7.46
N ASP D 59 17.04 33.01 -6.35
CA ASP D 59 16.29 32.75 -5.13
C ASP D 59 15.51 34.01 -4.73
N LEU D 60 14.94 34.01 -3.53
CA LEU D 60 14.34 35.22 -3.00
C LEU D 60 15.26 35.96 -2.05
N ALA D 61 16.20 35.25 -1.45
CA ALA D 61 17.22 35.95 -0.68
C ALA D 61 18.01 36.88 -1.58
N THR D 62 18.61 36.33 -2.64
CA THR D 62 19.34 37.13 -3.64
C THR D 62 18.48 38.25 -4.21
N MET D 63 17.19 38.00 -4.41
CA MET D 63 16.36 39.06 -4.96
C MET D 63 16.06 40.10 -3.90
N GLU D 64 16.09 39.70 -2.63
CA GLU D 64 15.77 40.65 -1.57
C GLU D 64 16.92 41.60 -1.36
N GLU D 65 18.15 41.10 -1.47
CA GLU D 65 19.31 41.98 -1.53
C GLU D 65 19.11 43.03 -2.60
N ARG D 66 18.76 42.58 -3.80
CA ARG D 66 18.69 43.46 -4.95
C ARG D 66 17.63 44.57 -4.78
N VAL D 67 16.49 44.29 -4.13
CA VAL D 67 15.56 45.36 -3.74
C VAL D 67 16.17 46.31 -2.71
N GLN D 68 17.21 45.91 -2.00
CA GLN D 68 17.85 46.83 -1.06
C GLN D 68 18.87 47.71 -1.76
N ARG D 69 19.74 47.16 -2.62
CA ARG D 69 20.58 47.99 -3.47
C ARG D 69 19.81 48.83 -4.51
N ARG D 70 18.48 48.81 -4.55
CA ARG D 70 17.71 49.43 -5.64
C ARG D 70 18.34 49.11 -7.00
N TYR D 71 18.51 47.80 -7.25
CA TYR D 71 19.13 47.24 -8.46
C TYR D 71 18.26 47.47 -9.69
N TYR D 72 17.00 47.82 -9.51
CA TYR D 72 16.02 47.75 -10.58
C TYR D 72 15.61 49.16 -10.97
N GLU D 73 15.83 49.50 -12.24
CA GLU D 73 15.41 50.77 -12.77
C GLU D 73 13.97 50.75 -13.27
N LYS D 74 13.50 49.62 -13.83
CA LYS D 74 12.13 49.48 -14.31
C LYS D 74 11.51 48.21 -13.75
N LEU D 75 10.17 48.22 -13.63
CA LEU D 75 9.47 47.06 -13.08
C LEU D 75 9.77 45.83 -13.93
N THR D 76 9.85 46.03 -15.24
CA THR D 76 10.27 45.04 -16.21
C THR D 76 11.43 44.19 -15.69
N GLU D 77 12.43 44.77 -15.00
CA GLU D 77 13.59 43.98 -14.60
C GLU D 77 13.28 43.06 -13.43
N PHE D 78 12.54 43.54 -12.45
CA PHE D 78 12.27 42.75 -11.28
C PHE D 78 11.37 41.58 -11.61
N VAL D 79 10.63 41.65 -12.69
CA VAL D 79 9.70 40.58 -13.03
C VAL D 79 10.38 39.52 -13.88
N ALA D 80 11.25 39.93 -14.81
CA ALA D 80 12.21 39.01 -15.38
C ALA D 80 12.85 38.17 -14.26
N ASP D 81 13.62 38.81 -13.34
CA ASP D 81 14.31 38.08 -12.27
C ASP D 81 13.37 37.22 -11.41
N MET D 82 12.11 37.63 -11.17
CA MET D 82 11.20 36.77 -10.41
C MET D 82 10.90 35.49 -11.19
N THR D 83 10.44 35.66 -12.42
CA THR D 83 10.00 34.55 -13.26
C THR D 83 11.15 33.59 -13.55
N LYS D 84 12.40 34.07 -13.55
CA LYS D 84 13.54 33.14 -13.59
C LYS D 84 13.31 31.98 -12.63
N ILE D 85 13.02 32.27 -11.33
CA ILE D 85 12.91 31.22 -10.31
C ILE D 85 11.98 30.09 -10.79
N PHE D 86 10.74 30.42 -11.09
CA PHE D 86 9.76 29.43 -11.57
C PHE D 86 10.07 28.85 -12.98
N ASP D 87 10.65 29.61 -13.93
CA ASP D 87 11.09 28.94 -15.16
C ASP D 87 12.26 27.99 -14.91
N ASN D 88 13.24 28.38 -14.08
CA ASN D 88 14.37 27.50 -13.82
C ASN D 88 13.88 26.19 -13.22
N CYS D 89 12.87 26.30 -12.35
CA CYS D 89 12.38 25.20 -11.54
C CYS D 89 11.64 24.20 -12.41
N ARG D 90 10.68 24.67 -13.21
CA ARG D 90 9.96 23.76 -14.08
C ARG D 90 10.90 23.13 -15.10
N TYR D 91 11.93 23.86 -15.49
CA TYR D 91 12.93 23.28 -16.38
C TYR D 91 13.72 22.19 -15.67
N TYR D 92 14.27 22.48 -14.51
CA TYR D 92 15.19 21.53 -13.91
C TYR D 92 14.48 20.28 -13.37
N ASN D 93 13.27 20.42 -12.86
CA ASN D 93 12.64 19.32 -12.14
C ASN D 93 11.62 18.62 -13.01
N PRO D 94 11.14 17.48 -12.55
CA PRO D 94 10.05 16.81 -13.24
C PRO D 94 8.70 17.41 -12.85
N SER D 95 7.77 17.31 -13.81
CA SER D 95 6.50 18.02 -13.73
C SER D 95 5.69 17.63 -12.50
N ASP D 96 5.80 16.37 -12.08
CA ASP D 96 5.05 15.84 -10.96
C ASP D 96 5.80 16.02 -9.64
N SER D 97 6.85 16.83 -9.67
CA SER D 97 7.71 17.10 -8.54
C SER D 97 7.04 18.08 -7.57
N PRO D 98 7.37 17.99 -6.28
CA PRO D 98 6.90 19.02 -5.33
C PRO D 98 7.46 20.39 -5.63
N PHE D 99 8.75 20.49 -5.94
CA PHE D 99 9.29 21.78 -6.38
C PHE D 99 8.46 22.34 -7.53
N TYR D 100 8.23 21.53 -8.57
CA TYR D 100 7.54 22.01 -9.76
C TYR D 100 6.14 22.49 -9.41
N GLN D 101 5.50 21.82 -8.44
CA GLN D 101 4.17 22.24 -8.01
C GLN D 101 4.23 23.54 -7.21
N CYS D 102 5.33 23.75 -6.47
CA CYS D 102 5.46 24.95 -5.68
C CYS D 102 5.69 26.17 -6.57
N ALA D 103 6.49 26.01 -7.62
CA ALA D 103 6.66 27.09 -8.60
C ALA D 103 5.37 27.40 -9.34
N GLU D 104 4.60 26.37 -9.66
CA GLU D 104 3.32 26.63 -10.31
C GLU D 104 2.41 27.44 -9.40
N VAL D 105 2.54 27.27 -8.10
CA VAL D 105 1.56 27.81 -7.18
C VAL D 105 1.97 29.19 -6.69
N LEU D 106 3.24 29.30 -6.32
CA LEU D 106 3.80 30.60 -6.01
C LEU D 106 3.59 31.58 -7.15
N GLU D 107 4.01 31.21 -8.37
CA GLU D 107 3.92 32.14 -9.49
C GLU D 107 2.52 32.72 -9.65
N SER D 108 1.50 31.86 -9.62
CA SER D 108 0.13 32.34 -9.68
C SER D 108 -0.11 33.36 -8.57
N PHE D 109 0.37 33.07 -7.34
CA PHE D 109 0.32 34.04 -6.24
C PHE D 109 0.97 35.34 -6.70
N PHE D 110 2.29 35.31 -6.95
CA PHE D 110 3.02 36.47 -7.45
C PHE D 110 2.18 37.27 -8.42
N VAL D 111 1.62 36.57 -9.41
CA VAL D 111 0.89 37.22 -10.49
C VAL D 111 -0.32 37.98 -9.94
N GLN D 112 -1.02 37.43 -8.94
CA GLN D 112 -2.10 38.21 -8.34
C GLN D 112 -1.54 39.36 -7.51
N LYS D 113 -0.49 39.10 -6.74
CA LYS D 113 0.15 40.16 -5.98
C LYS D 113 0.78 41.20 -6.90
N LEU D 114 1.32 40.80 -8.04
CA LEU D 114 1.81 41.78 -9.00
C LEU D 114 0.67 42.53 -9.73
N LYS D 115 -0.46 41.87 -10.03
CA LYS D 115 -1.59 42.60 -10.60
C LYS D 115 -1.94 43.78 -9.72
N GLY D 116 -1.99 43.55 -8.40
CA GLY D 116 -2.29 44.63 -7.48
C GLY D 116 -1.30 45.77 -7.57
N PHE D 117 -0.02 45.45 -7.64
CA PHE D 117 1.02 46.49 -7.67
C PHE D 117 0.91 47.37 -8.90
N LYS D 118 0.65 46.78 -10.07
CA LYS D 118 0.61 47.57 -11.29
C LYS D 118 -0.53 48.56 -11.28
N ALA D 119 -1.64 48.20 -10.62
CA ALA D 119 -2.77 49.12 -10.50
C ALA D 119 -2.53 50.18 -9.42
N SER D 120 -1.88 49.83 -8.30
CA SER D 120 -1.58 50.81 -7.26
C SER D 120 -0.30 51.60 -7.58
N ARG D 121 -0.18 51.98 -8.84
CA ARG D 121 0.86 52.83 -9.40
C ARG D 121 0.32 53.89 -10.33
N SER D 122 -0.74 53.58 -11.11
CA SER D 122 -1.38 54.44 -12.11
C SER D 122 -2.58 55.21 -11.54
N HIS D 123 -3.58 54.47 -11.04
CA HIS D 123 -4.80 55.05 -10.43
C HIS D 123 -5.51 54.01 -9.56
N ASP E 6 -25.68 9.33 20.55
CA ASP E 6 -27.14 9.48 20.38
C ASP E 6 -27.88 8.18 20.58
N ALA E 7 -28.93 8.29 21.39
CA ALA E 7 -29.82 7.17 21.64
C ALA E 7 -30.49 6.68 20.38
N MET E 8 -30.92 7.62 19.53
CA MET E 8 -31.73 7.26 18.37
C MET E 8 -30.97 6.34 17.44
N THR E 9 -29.64 6.47 17.39
CA THR E 9 -28.87 5.68 16.43
C THR E 9 -28.82 4.22 16.84
N VAL E 10 -28.87 3.97 18.14
CA VAL E 10 -28.69 2.61 18.61
C VAL E 10 -30.01 1.83 18.74
N LEU E 11 -31.14 2.46 19.11
CA LEU E 11 -32.39 1.74 19.43
C LEU E 11 -33.55 1.99 18.46
N THR E 12 -33.93 3.24 18.26
CA THR E 12 -34.93 3.53 17.25
C THR E 12 -34.49 2.89 15.92
N PRO E 13 -35.27 1.96 15.35
CA PRO E 13 -34.89 1.31 14.08
C PRO E 13 -35.28 2.14 12.85
N LEU E 14 -35.03 1.54 11.68
CA LEU E 14 -34.90 2.27 10.42
C LEU E 14 -36.24 2.21 9.70
N THR E 15 -36.90 3.37 9.56
CA THR E 15 -38.15 3.45 8.81
C THR E 15 -37.88 3.31 7.31
N GLU E 16 -38.98 3.28 6.54
CA GLU E 16 -38.87 3.33 5.09
C GLU E 16 -38.32 4.67 4.62
N LYS E 17 -38.65 5.75 5.33
CA LYS E 17 -38.01 7.03 5.13
C LYS E 17 -36.49 6.91 5.29
N ASP E 18 -36.04 6.57 6.51
CA ASP E 18 -34.62 6.46 6.81
C ASP E 18 -33.87 5.91 5.61
N TYR E 19 -34.26 4.70 5.19
CA TYR E 19 -33.63 4.02 4.07
C TYR E 19 -33.60 4.85 2.77
N GLU E 20 -34.46 5.86 2.63
CA GLU E 20 -34.33 6.77 1.50
C GLU E 20 -33.09 7.66 1.68
N GLY E 21 -32.97 8.32 2.83
CA GLY E 21 -31.82 9.18 3.15
C GLY E 21 -30.55 8.42 3.48
N LEU E 22 -30.63 7.09 3.58
CA LEU E 22 -29.41 6.30 3.57
C LEU E 22 -28.91 6.09 2.14
N LYS E 23 -29.80 5.63 1.24
CA LYS E 23 -29.44 5.53 -0.16
C LYS E 23 -29.01 6.90 -0.72
N ARG E 24 -29.53 8.01 -0.15
CA ARG E 24 -29.19 9.36 -0.60
C ARG E 24 -27.80 9.81 -0.16
N VAL E 25 -27.32 9.29 0.97
CA VAL E 25 -25.97 9.60 1.46
C VAL E 25 -24.95 8.74 0.72
N LEU E 26 -25.15 7.43 0.69
CA LEU E 26 -24.42 6.56 -0.21
C LEU E 26 -24.21 7.17 -1.59
N ARG E 27 -25.29 7.67 -2.20
CA ARG E 27 -25.21 8.37 -3.48
C ARG E 27 -24.18 9.51 -3.42
N SER E 28 -24.23 10.31 -2.35
CA SER E 28 -23.32 11.44 -2.19
C SER E 28 -21.86 10.98 -2.12
N LEU E 29 -21.62 9.84 -1.49
CA LEU E 29 -20.25 9.37 -1.43
C LEU E 29 -19.79 8.87 -2.79
N GLN E 30 -20.72 8.36 -3.59
CA GLN E 30 -20.30 7.89 -4.91
C GLN E 30 -20.00 9.04 -5.87
N ALA E 31 -20.55 10.23 -5.63
CA ALA E 31 -20.18 11.40 -6.42
C ALA E 31 -18.74 11.85 -6.16
N HIS E 32 -18.32 11.85 -4.88
CA HIS E 32 -17.20 12.64 -4.38
C HIS E 32 -15.95 12.47 -5.25
N LYS E 33 -15.07 13.48 -5.26
CA LYS E 33 -13.87 13.39 -6.10
C LYS E 33 -12.97 12.27 -5.60
N MET E 34 -12.89 12.14 -4.27
CA MET E 34 -11.98 11.27 -3.54
C MET E 34 -12.59 9.93 -3.14
N ALA E 35 -13.81 9.64 -3.60
CA ALA E 35 -14.44 8.33 -3.44
C ALA E 35 -13.97 7.33 -4.48
N TRP E 36 -13.12 7.73 -5.42
CA TRP E 36 -12.78 6.82 -6.52
C TRP E 36 -12.20 5.47 -6.07
N PRO E 37 -11.48 5.33 -4.95
CA PRO E 37 -10.85 4.05 -4.66
C PRO E 37 -11.77 3.05 -3.99
N PHE E 38 -13.01 3.46 -3.64
CA PHE E 38 -13.92 2.65 -2.82
C PHE E 38 -15.26 2.39 -3.48
N LEU E 39 -15.42 2.77 -4.74
CA LEU E 39 -16.70 2.58 -5.41
C LEU E 39 -16.93 1.12 -5.76
N GLU E 40 -15.88 0.30 -5.82
CA GLU E 40 -16.03 -1.15 -6.02
C GLU E 40 -15.05 -1.97 -5.15
N PRO E 41 -15.20 -3.31 -5.12
CA PRO E 41 -14.28 -4.19 -4.38
C PRO E 41 -12.86 -4.25 -4.90
N VAL E 42 -11.93 -4.46 -3.96
CA VAL E 42 -10.51 -4.51 -4.26
C VAL E 42 -10.23 -5.60 -5.27
N ASP E 43 -9.35 -5.34 -6.12
CA ASP E 43 -9.08 -6.44 -7.03
C ASP E 43 -8.02 -7.34 -6.41
N PRO E 44 -8.24 -8.64 -6.38
CA PRO E 44 -7.17 -9.57 -6.03
C PRO E 44 -5.91 -9.52 -6.90
N ASN E 45 -5.97 -9.09 -8.17
CA ASN E 45 -4.73 -9.05 -8.95
C ASN E 45 -3.90 -7.81 -8.62
N ASP E 46 -4.55 -6.74 -8.13
CA ASP E 46 -3.81 -5.62 -7.55
C ASP E 46 -3.03 -6.08 -6.32
N ALA E 47 -3.60 -6.97 -5.54
CA ALA E 47 -3.13 -7.22 -4.19
C ALA E 47 -3.45 -8.63 -3.71
N PRO E 48 -2.69 -9.67 -4.13
CA PRO E 48 -3.08 -11.06 -3.80
C PRO E 48 -3.29 -11.37 -2.34
N ASP E 49 -2.53 -10.73 -1.43
CA ASP E 49 -2.75 -10.96 0.00
C ASP E 49 -3.92 -10.16 0.60
N TYR E 50 -4.45 -9.16 -0.10
CA TYR E 50 -5.52 -8.36 0.49
C TYR E 50 -6.60 -9.21 1.15
N TYR E 51 -7.21 -10.12 0.38
CA TYR E 51 -8.39 -10.83 0.88
C TYR E 51 -8.04 -11.86 1.92
N GLY E 52 -6.76 -12.18 2.07
CA GLY E 52 -6.34 -13.08 3.11
C GLY E 52 -5.91 -12.37 4.37
N VAL E 53 -5.71 -11.05 4.34
CA VAL E 53 -5.25 -10.32 5.52
C VAL E 53 -6.17 -9.19 5.95
N ILE E 54 -7.20 -8.89 5.19
CA ILE E 54 -8.28 -8.01 5.61
C ILE E 54 -9.44 -8.94 5.94
N LYS E 55 -9.95 -8.85 7.18
CA LYS E 55 -11.01 -9.76 7.62
C LYS E 55 -12.39 -9.39 7.07
N GLU E 56 -12.72 -8.11 6.94
CA GLU E 56 -14.03 -7.69 6.43
C GLU E 56 -13.94 -6.49 5.47
N PRO E 57 -13.57 -6.74 4.20
CA PRO E 57 -13.57 -5.67 3.20
C PRO E 57 -14.95 -5.10 2.96
N MET E 58 -14.96 -3.93 2.30
CA MET E 58 -16.22 -3.22 2.12
C MET E 58 -16.07 -2.16 1.01
N ASP E 59 -17.15 -1.93 0.29
CA ASP E 59 -17.08 -0.99 -0.80
C ASP E 59 -18.42 -0.31 -0.91
N LEU E 60 -18.44 0.83 -1.57
CA LEU E 60 -19.73 1.46 -1.76
C LEU E 60 -20.61 0.68 -2.73
N ALA E 61 -20.02 -0.11 -3.62
CA ALA E 61 -20.88 -0.94 -4.44
C ALA E 61 -21.49 -2.06 -3.61
N THR E 62 -20.69 -2.74 -2.78
CA THR E 62 -21.31 -3.76 -1.94
C THR E 62 -22.27 -3.15 -0.94
N MET E 63 -22.15 -1.89 -0.64
CA MET E 63 -23.04 -1.29 0.32
C MET E 63 -24.32 -0.79 -0.31
N GLU E 64 -24.30 -0.46 -1.60
CA GLU E 64 -25.54 -0.10 -2.27
C GLU E 64 -26.43 -1.33 -2.36
N GLU E 65 -25.82 -2.49 -2.66
CA GLU E 65 -26.53 -3.77 -2.59
C GLU E 65 -27.25 -3.89 -1.27
N ARG E 66 -26.54 -3.62 -0.20
CA ARG E 66 -27.06 -3.90 1.12
C ARG E 66 -28.16 -2.91 1.49
N VAL E 67 -27.94 -1.62 1.24
CA VAL E 67 -28.97 -0.63 1.55
C VAL E 67 -30.25 -0.96 0.81
N GLN E 68 -30.12 -1.48 -0.42
CA GLN E 68 -31.28 -1.83 -1.23
C GLN E 68 -31.98 -3.09 -0.70
N ARG E 69 -31.23 -4.21 -0.55
CA ARG E 69 -31.74 -5.42 0.11
C ARG E 69 -32.41 -5.17 1.46
N ARG E 70 -32.21 -4.01 2.10
CA ARG E 70 -32.65 -3.72 3.48
C ARG E 70 -31.98 -4.66 4.50
N TYR E 71 -30.65 -4.58 4.55
CA TYR E 71 -29.82 -5.43 5.40
C TYR E 71 -29.63 -4.88 6.82
N TYR E 72 -29.94 -3.61 7.03
CA TYR E 72 -29.52 -2.91 8.22
C TYR E 72 -30.75 -2.64 9.09
N GLU E 73 -30.86 -3.34 10.22
CA GLU E 73 -31.98 -3.07 11.10
C GLU E 73 -31.80 -1.72 11.82
N LYS E 74 -30.65 -1.48 12.45
CA LYS E 74 -30.36 -0.18 13.07
C LYS E 74 -29.31 0.58 12.28
N LEU E 75 -29.17 1.88 12.62
CA LEU E 75 -28.16 2.73 12.00
C LEU E 75 -26.75 2.33 12.42
N THR E 76 -26.61 1.77 13.61
CA THR E 76 -25.32 1.26 14.05
C THR E 76 -24.71 0.32 13.01
N GLU E 77 -25.51 -0.59 12.46
CA GLU E 77 -25.00 -1.53 11.45
C GLU E 77 -24.47 -0.82 10.22
N PHE E 78 -25.18 0.18 9.74
CA PHE E 78 -24.77 0.84 8.50
C PHE E 78 -23.45 1.55 8.70
N VAL E 79 -23.32 2.23 9.84
CA VAL E 79 -22.14 3.05 10.03
C VAL E 79 -20.92 2.21 10.30
N ALA E 80 -21.09 1.02 10.88
CA ALA E 80 -20.00 0.04 10.94
C ALA E 80 -19.49 -0.31 9.55
N ASP E 81 -20.35 -0.93 8.73
CA ASP E 81 -19.96 -1.36 7.42
C ASP E 81 -19.28 -0.23 6.65
N MET E 82 -19.72 1.02 6.85
CA MET E 82 -19.04 2.15 6.24
C MET E 82 -17.60 2.28 6.77
N THR E 83 -17.47 2.37 8.10
CA THR E 83 -16.18 2.59 8.72
C THR E 83 -15.19 1.46 8.44
N LYS E 84 -15.67 0.24 8.13
CA LYS E 84 -14.72 -0.79 7.67
C LYS E 84 -13.91 -0.26 6.48
N ILE E 85 -14.54 0.55 5.62
CA ILE E 85 -13.90 0.90 4.37
C ILE E 85 -12.67 1.74 4.64
N PHE E 86 -12.76 2.60 5.63
CA PHE E 86 -11.64 3.48 5.94
C PHE E 86 -10.64 2.85 6.89
N ASP E 87 -11.10 2.10 7.90
CA ASP E 87 -10.15 1.46 8.79
C ASP E 87 -9.34 0.40 8.06
N ASN E 88 -9.98 -0.37 7.17
CA ASN E 88 -9.26 -1.38 6.41
C ASN E 88 -8.19 -0.72 5.55
N CYS E 89 -8.57 0.36 4.86
CA CYS E 89 -7.67 1.13 4.03
C CYS E 89 -6.43 1.61 4.81
N ARG E 90 -6.66 2.42 5.84
CA ARG E 90 -5.57 2.88 6.69
C ARG E 90 -4.72 1.71 7.21
N TYR E 91 -5.35 0.58 7.51
CA TYR E 91 -4.57 -0.53 8.05
C TYR E 91 -3.63 -1.09 6.99
N TYR E 92 -4.16 -1.34 5.80
CA TYR E 92 -3.42 -2.08 4.79
C TYR E 92 -2.48 -1.21 3.96
N ASN E 93 -2.70 0.11 3.96
CA ASN E 93 -1.95 1.01 3.09
C ASN E 93 -1.10 1.98 3.90
N PRO E 94 -0.01 2.48 3.31
CA PRO E 94 0.92 3.36 4.04
C PRO E 94 0.38 4.76 4.31
N SER E 95 0.58 5.24 5.55
CA SER E 95 0.09 6.56 5.99
C SER E 95 0.24 7.62 4.91
N ASP E 96 1.37 7.57 4.20
CA ASP E 96 1.77 8.58 3.23
C ASP E 96 1.21 8.34 1.83
N SER E 97 0.26 7.43 1.68
CA SER E 97 -0.19 6.93 0.38
C SER E 97 -1.44 7.66 -0.08
N PRO E 98 -1.71 7.59 -1.36
CA PRO E 98 -2.98 8.05 -1.94
C PRO E 98 -4.24 7.42 -1.38
N PHE E 99 -4.37 6.09 -1.49
CA PHE E 99 -5.51 5.41 -0.89
C PHE E 99 -5.76 5.90 0.52
N TYR E 100 -4.70 5.96 1.35
CA TYR E 100 -4.83 6.43 2.73
C TYR E 100 -5.39 7.84 2.78
N GLN E 101 -4.69 8.79 2.14
CA GLN E 101 -5.16 10.16 2.10
C GLN E 101 -6.62 10.23 1.63
N CYS E 102 -6.98 9.43 0.62
CA CYS E 102 -8.35 9.41 0.12
C CYS E 102 -9.34 8.92 1.19
N ALA E 103 -8.93 7.95 2.00
CA ALA E 103 -9.82 7.47 3.06
C ALA E 103 -10.05 8.57 4.08
N GLU E 104 -9.00 9.32 4.37
CA GLU E 104 -9.13 10.43 5.30
C GLU E 104 -10.18 11.42 4.80
N VAL E 105 -10.10 11.79 3.52
CA VAL E 105 -11.00 12.80 2.96
C VAL E 105 -12.44 12.33 3.11
N LEU E 106 -12.71 11.10 2.71
CA LEU E 106 -14.09 10.62 2.67
C LEU E 106 -14.62 10.29 4.06
N GLU E 107 -13.81 9.76 4.99
CA GLU E 107 -14.37 9.55 6.33
C GLU E 107 -14.75 10.90 6.92
N SER E 108 -13.91 11.91 6.69
CA SER E 108 -14.20 13.25 7.20
C SER E 108 -15.54 13.75 6.66
N PHE E 109 -15.71 13.57 5.35
CA PHE E 109 -16.93 13.98 4.66
C PHE E 109 -18.15 13.22 5.17
N PHE E 110 -18.16 11.88 4.98
CA PHE E 110 -19.26 11.01 5.38
C PHE E 110 -19.73 11.35 6.77
N VAL E 111 -18.80 11.66 7.66
CA VAL E 111 -19.16 12.09 9.00
C VAL E 111 -20.19 13.22 8.92
N GLN E 112 -19.84 14.34 8.27
CA GLN E 112 -20.78 15.47 8.21
C GLN E 112 -22.06 15.10 7.45
N LYS E 113 -21.90 14.47 6.27
CA LYS E 113 -23.07 13.92 5.57
C LYS E 113 -23.87 12.97 6.46
N LEU E 114 -23.29 12.48 7.56
CA LEU E 114 -23.99 11.66 8.53
C LEU E 114 -24.44 12.44 9.76
N LYS E 115 -23.74 13.53 10.09
CA LYS E 115 -24.23 14.43 11.13
C LYS E 115 -25.58 15.01 10.69
N GLY E 116 -25.71 15.29 9.38
CA GLY E 116 -26.92 15.80 8.76
C GLY E 116 -28.05 14.80 8.64
N PHE E 117 -27.80 13.55 8.99
CA PHE E 117 -28.81 12.49 9.02
C PHE E 117 -29.26 12.15 10.42
N LYS E 118 -28.33 12.20 11.39
CA LYS E 118 -28.65 12.10 12.82
C LYS E 118 -29.34 13.35 13.34
N ALA E 119 -29.58 14.32 12.45
CA ALA E 119 -30.36 15.51 12.78
C ALA E 119 -31.67 15.58 12.01
N SER E 120 -31.75 15.03 10.81
CA SER E 120 -33.00 14.92 10.07
C SER E 120 -33.84 13.75 10.54
N ARG E 121 -33.46 13.16 11.67
CA ARG E 121 -34.12 12.01 12.24
C ARG E 121 -34.60 12.28 13.65
N SER E 122 -34.41 13.51 14.16
CA SER E 122 -34.86 13.93 15.49
C SER E 122 -35.77 15.16 15.48
N HIS E 123 -35.61 16.08 14.51
CA HIS E 123 -36.61 17.14 14.25
C HIS E 123 -37.20 16.94 12.84
N ASP F 6 21.07 -37.69 7.02
CA ASP F 6 22.40 -37.71 6.28
C ASP F 6 23.22 -36.46 6.46
N ALA F 7 24.48 -36.75 6.82
CA ALA F 7 25.51 -35.74 6.84
C ALA F 7 25.57 -34.98 5.53
N MET F 8 25.66 -35.70 4.42
CA MET F 8 26.02 -35.02 3.19
C MET F 8 24.93 -34.02 2.80
N THR F 9 23.69 -34.27 3.21
CA THR F 9 22.61 -33.42 2.74
C THR F 9 22.67 -32.05 3.37
N VAL F 10 23.11 -32.01 4.62
CA VAL F 10 23.18 -30.80 5.43
C VAL F 10 24.42 -29.97 5.10
N LEU F 11 25.57 -30.64 4.92
CA LEU F 11 26.91 -30.03 5.06
C LEU F 11 27.69 -29.85 3.78
N THR F 12 27.47 -30.70 2.79
CA THR F 12 28.35 -30.89 1.67
C THR F 12 27.77 -30.13 0.47
N PRO F 13 28.30 -28.97 0.10
CA PRO F 13 27.59 -28.09 -0.85
C PRO F 13 27.34 -28.76 -2.19
N LEU F 14 26.47 -28.10 -2.98
CA LEU F 14 25.94 -28.67 -4.21
C LEU F 14 26.92 -28.39 -5.35
N THR F 15 27.36 -29.46 -6.04
CA THR F 15 28.29 -29.33 -7.17
C THR F 15 27.50 -29.03 -8.45
N GLU F 16 28.22 -28.90 -9.57
CA GLU F 16 27.51 -28.79 -10.85
C GLU F 16 26.79 -30.10 -11.16
N LYS F 17 27.45 -31.23 -10.86
CA LYS F 17 26.83 -32.54 -11.07
C LYS F 17 25.56 -32.65 -10.23
N ASP F 18 25.65 -32.30 -8.94
CA ASP F 18 24.47 -32.31 -8.08
C ASP F 18 23.33 -31.64 -8.83
N TYR F 19 23.57 -30.41 -9.24
CA TYR F 19 22.52 -29.63 -9.84
C TYR F 19 21.97 -30.30 -11.10
N GLU F 20 22.80 -31.03 -11.84
CA GLU F 20 22.28 -31.74 -13.00
C GLU F 20 21.15 -32.64 -12.56
N GLY F 21 21.38 -33.45 -11.54
CA GLY F 21 20.36 -34.36 -11.04
C GLY F 21 19.27 -33.71 -10.20
N LEU F 22 19.46 -32.47 -9.71
CA LEU F 22 18.29 -31.73 -9.20
C LEU F 22 17.31 -31.36 -10.34
N LYS F 23 17.80 -30.90 -11.50
CA LYS F 23 16.86 -30.69 -12.59
C LYS F 23 16.27 -32.02 -13.04
N ARG F 24 17.08 -33.08 -13.07
CA ARG F 24 16.55 -34.39 -13.43
C ARG F 24 15.35 -34.77 -12.58
N VAL F 25 15.44 -34.57 -11.26
CA VAL F 25 14.32 -34.91 -10.37
C VAL F 25 13.16 -33.97 -10.62
N LEU F 26 13.45 -32.67 -10.71
CA LEU F 26 12.37 -31.70 -10.91
C LEU F 26 11.60 -31.98 -12.19
N ARG F 27 12.29 -32.39 -13.26
CA ARG F 27 11.58 -32.79 -14.47
C ARG F 27 10.60 -33.91 -14.15
N SER F 28 11.12 -35.05 -13.68
CA SER F 28 10.30 -36.19 -13.27
C SER F 28 9.04 -35.77 -12.50
N LEU F 29 9.17 -34.79 -11.62
CA LEU F 29 7.99 -34.30 -10.95
C LEU F 29 7.00 -33.67 -11.92
N GLN F 30 7.49 -32.84 -12.85
CA GLN F 30 6.56 -32.20 -13.78
C GLN F 30 5.93 -33.24 -14.76
N ALA F 31 6.66 -34.28 -15.12
CA ALA F 31 6.04 -35.38 -15.86
C ALA F 31 4.81 -35.97 -15.16
N HIS F 32 4.74 -35.95 -13.84
CA HIS F 32 3.88 -36.91 -13.11
C HIS F 32 2.43 -36.60 -13.44
N LYS F 33 1.54 -37.62 -13.40
CA LYS F 33 0.15 -37.27 -13.72
C LYS F 33 -0.48 -36.43 -12.63
N MET F 34 0.03 -36.51 -11.40
CA MET F 34 -0.54 -35.78 -10.28
C MET F 34 0.15 -34.45 -10.02
N ALA F 35 1.13 -34.06 -10.84
CA ALA F 35 1.81 -32.78 -10.71
C ALA F 35 0.91 -31.60 -11.07
N TRP F 36 -0.26 -31.87 -11.66
CA TRP F 36 -0.97 -30.81 -12.35
C TRP F 36 -1.36 -29.64 -11.44
N PRO F 37 -1.58 -29.81 -10.13
CA PRO F 37 -1.97 -28.64 -9.32
C PRO F 37 -0.80 -27.82 -8.83
N PHE F 38 0.45 -28.27 -9.05
CA PHE F 38 1.64 -27.63 -8.52
C PHE F 38 2.64 -27.19 -9.59
N LEU F 39 2.31 -27.36 -10.88
CA LEU F 39 3.27 -27.02 -11.94
C LEU F 39 3.50 -25.51 -12.05
N GLU F 40 2.50 -24.68 -11.71
CA GLU F 40 2.65 -23.23 -11.71
C GLU F 40 2.05 -22.61 -10.43
N PRO F 41 2.14 -21.29 -10.25
CA PRO F 41 1.64 -20.67 -9.02
C PRO F 41 0.12 -20.61 -8.92
N VAL F 42 -0.33 -20.52 -7.67
CA VAL F 42 -1.75 -20.49 -7.38
C VAL F 42 -2.31 -19.21 -7.97
N ASP F 43 -3.50 -19.30 -8.54
CA ASP F 43 -4.07 -18.09 -9.08
C ASP F 43 -4.81 -17.32 -7.98
N PRO F 44 -4.47 -16.09 -7.72
CA PRO F 44 -5.31 -15.29 -6.82
C PRO F 44 -6.79 -15.20 -7.17
N ASN F 45 -7.18 -15.36 -8.44
CA ASN F 45 -8.60 -15.29 -8.77
C ASN F 45 -9.33 -16.58 -8.44
N ASP F 46 -8.59 -17.70 -8.42
CA ASP F 46 -9.13 -18.96 -7.91
C ASP F 46 -9.43 -18.85 -6.43
N ALA F 47 -8.66 -18.02 -5.73
CA ALA F 47 -8.65 -18.05 -4.27
C ALA F 47 -8.08 -16.77 -3.64
N PRO F 48 -8.85 -15.66 -3.55
CA PRO F 48 -8.28 -14.37 -3.10
C PRO F 48 -7.46 -14.32 -1.84
N ASP F 49 -7.80 -15.10 -0.82
CA ASP F 49 -7.07 -15.10 0.44
C ASP F 49 -5.79 -15.94 0.40
N TYR F 50 -5.59 -16.78 -0.61
CA TYR F 50 -4.44 -17.68 -0.57
C TYR F 50 -3.15 -16.96 -0.24
N TYR F 51 -2.85 -15.85 -0.93
CA TYR F 51 -1.52 -15.27 -0.81
C TYR F 51 -1.37 -14.46 0.44
N GLY F 52 -2.49 -14.15 1.09
CA GLY F 52 -2.47 -13.46 2.34
C GLY F 52 -2.46 -14.36 3.55
N VAL F 53 -2.78 -15.65 3.44
CA VAL F 53 -2.87 -16.53 4.61
C VAL F 53 -1.95 -17.72 4.51
N ILE F 54 -1.25 -17.87 3.40
CA ILE F 54 -0.15 -18.80 3.23
C ILE F 54 1.08 -17.93 3.14
N LYS F 55 2.11 -18.22 3.94
CA LYS F 55 3.17 -17.24 4.11
C LYS F 55 4.28 -17.40 3.06
N GLU F 56 4.60 -18.63 2.66
CA GLU F 56 5.59 -18.86 1.61
C GLU F 56 5.10 -19.86 0.56
N PRO F 57 4.29 -19.41 -0.40
CA PRO F 57 3.85 -20.30 -1.50
C PRO F 57 5.01 -20.91 -2.30
N MET F 58 4.65 -21.88 -3.12
CA MET F 58 5.68 -22.51 -3.93
C MET F 58 5.07 -23.43 -5.00
N ASP F 59 5.87 -23.69 -6.02
CA ASP F 59 5.43 -24.40 -7.20
C ASP F 59 6.65 -24.86 -7.97
N LEU F 60 6.46 -25.93 -8.72
CA LEU F 60 7.53 -26.44 -9.56
C LEU F 60 8.00 -25.41 -10.59
N ALA F 61 7.18 -24.43 -10.91
CA ALA F 61 7.65 -23.46 -11.88
C ALA F 61 8.66 -22.53 -11.23
N THR F 62 8.31 -21.97 -10.04
CA THR F 62 9.28 -21.17 -9.30
C THR F 62 10.49 -22.01 -8.94
N MET F 63 10.30 -23.28 -8.72
CA MET F 63 11.44 -24.11 -8.36
C MET F 63 12.35 -24.36 -9.54
N GLU F 64 11.81 -24.45 -10.75
CA GLU F 64 12.68 -24.57 -11.93
C GLU F 64 13.55 -23.34 -12.09
N GLU F 65 12.93 -22.16 -12.07
CA GLU F 65 13.70 -20.93 -12.10
C GLU F 65 14.82 -21.00 -11.09
N ARG F 66 14.50 -21.35 -9.84
CA ARG F 66 15.51 -21.29 -8.78
C ARG F 66 16.63 -22.32 -9.01
N VAL F 67 16.31 -23.52 -9.49
CA VAL F 67 17.36 -24.50 -9.78
C VAL F 67 18.26 -24.01 -10.91
N GLN F 68 17.75 -23.20 -11.83
CA GLN F 68 18.55 -22.74 -12.96
C GLN F 68 19.41 -21.54 -12.59
N ARG F 69 18.96 -20.72 -11.64
CA ARG F 69 19.74 -19.65 -11.04
C ARG F 69 20.75 -20.12 -9.96
N ARG F 70 20.95 -21.43 -9.78
CA ARG F 70 21.81 -21.99 -8.73
C ARG F 70 21.64 -21.23 -7.40
N TYR F 71 20.41 -21.25 -6.90
CA TYR F 71 19.98 -20.51 -5.72
C TYR F 71 20.26 -21.26 -4.41
N TYR F 72 20.43 -22.58 -4.49
CA TYR F 72 20.51 -23.45 -3.33
C TYR F 72 21.97 -23.80 -3.15
N GLU F 73 22.54 -23.41 -2.00
CA GLU F 73 23.89 -23.88 -1.70
C GLU F 73 23.86 -25.32 -1.20
N LYS F 74 22.80 -25.72 -0.50
CA LYS F 74 22.72 -27.04 0.12
C LYS F 74 21.46 -27.79 -0.28
N LEU F 75 21.55 -29.13 -0.30
CA LEU F 75 20.37 -29.92 -0.64
C LEU F 75 19.27 -29.67 0.37
N THR F 76 19.61 -29.01 1.46
CA THR F 76 18.65 -28.79 2.53
C THR F 76 17.66 -27.71 2.14
N GLU F 77 18.14 -26.58 1.60
CA GLU F 77 17.22 -25.54 1.16
C GLU F 77 16.29 -26.08 0.07
N PHE F 78 16.84 -26.86 -0.86
CA PHE F 78 16.04 -27.32 -1.98
C PHE F 78 14.88 -28.16 -1.46
N VAL F 79 15.18 -29.11 -0.58
CA VAL F 79 14.12 -29.98 -0.07
C VAL F 79 13.09 -29.25 0.82
N ALA F 80 13.50 -28.25 1.60
CA ALA F 80 12.49 -27.36 2.20
C ALA F 80 11.48 -26.83 1.16
N ASP F 81 11.95 -26.03 0.18
CA ASP F 81 11.06 -25.36 -0.77
C ASP F 81 10.11 -26.35 -1.43
N MET F 82 10.59 -27.54 -1.77
CA MET F 82 9.70 -28.59 -2.26
C MET F 82 8.57 -28.85 -1.26
N THR F 83 8.95 -29.11 -0.01
CA THR F 83 7.98 -29.52 0.98
C THR F 83 7.01 -28.39 1.32
N LYS F 84 7.38 -27.10 1.15
CA LYS F 84 6.33 -26.07 1.21
C LYS F 84 5.15 -26.50 0.35
N ILE F 85 5.41 -26.85 -0.91
CA ILE F 85 4.33 -27.08 -1.84
C ILE F 85 3.26 -27.97 -1.23
N PHE F 86 3.70 -28.96 -0.46
CA PHE F 86 2.81 -30.02 0.02
C PHE F 86 2.17 -29.66 1.34
N ASP F 87 2.99 -29.07 2.20
CA ASP F 87 2.50 -28.58 3.49
C ASP F 87 1.54 -27.45 3.28
N ASN F 88 1.92 -26.49 2.43
CA ASN F 88 0.99 -25.42 2.06
C ASN F 88 -0.30 -26.00 1.50
N CYS F 89 -0.22 -27.02 0.64
CA CYS F 89 -1.44 -27.58 0.08
C CYS F 89 -2.28 -28.18 1.19
N ARG F 90 -1.72 -29.15 1.93
CA ARG F 90 -2.48 -29.82 3.00
C ARG F 90 -3.05 -28.79 4.01
N TYR F 91 -2.36 -27.68 4.22
CA TYR F 91 -2.86 -26.70 5.17
C TYR F 91 -4.06 -25.96 4.61
N TYR F 92 -3.98 -25.48 3.39
CA TYR F 92 -5.04 -24.60 2.89
C TYR F 92 -6.32 -25.36 2.50
N ASN F 93 -6.21 -26.63 2.07
CA ASN F 93 -7.29 -27.42 1.48
C ASN F 93 -7.78 -28.55 2.36
N PRO F 94 -9.01 -29.03 2.09
CA PRO F 94 -9.58 -30.16 2.83
C PRO F 94 -8.85 -31.47 2.64
N SER F 95 -8.77 -32.24 3.72
CA SER F 95 -8.13 -33.55 3.68
C SER F 95 -8.73 -34.42 2.59
N ASP F 96 -10.01 -34.22 2.30
CA ASP F 96 -10.78 -35.05 1.39
C ASP F 96 -10.84 -34.50 -0.04
N SER F 97 -10.18 -33.36 -0.28
CA SER F 97 -10.07 -32.70 -1.58
C SER F 97 -9.06 -33.39 -2.49
N PRO F 98 -9.10 -33.12 -3.74
CA PRO F 98 -8.14 -33.78 -4.62
C PRO F 98 -6.80 -33.07 -4.60
N PHE F 99 -6.84 -31.74 -4.62
CA PHE F 99 -5.60 -31.00 -4.41
C PHE F 99 -4.80 -31.60 -3.25
N TYR F 100 -5.47 -31.95 -2.13
CA TYR F 100 -4.84 -32.63 -0.99
C TYR F 100 -4.31 -34.00 -1.40
N GLN F 101 -5.18 -34.83 -1.99
CA GLN F 101 -4.81 -36.19 -2.39
C GLN F 101 -3.72 -36.18 -3.45
N CYS F 102 -3.59 -35.09 -4.19
CA CYS F 102 -2.49 -35.01 -5.15
C CYS F 102 -1.20 -34.64 -4.47
N ALA F 103 -1.27 -33.75 -3.47
CA ALA F 103 -0.09 -33.44 -2.69
C ALA F 103 0.47 -34.70 -2.05
N GLU F 104 -0.41 -35.52 -1.53
CA GLU F 104 0.02 -36.73 -0.89
C GLU F 104 0.80 -37.60 -1.84
N VAL F 105 0.16 -37.92 -2.97
CA VAL F 105 0.73 -38.85 -3.94
C VAL F 105 2.06 -38.35 -4.46
N LEU F 106 2.12 -37.07 -4.87
CA LEU F 106 3.35 -36.50 -5.41
C LEU F 106 4.42 -36.41 -4.35
N GLU F 107 4.04 -36.10 -3.11
CA GLU F 107 5.06 -35.99 -2.10
C GLU F 107 5.69 -37.33 -1.87
N SER F 108 4.91 -38.38 -2.08
CA SER F 108 5.43 -39.70 -1.81
C SER F 108 6.44 -40.09 -2.86
N PHE F 109 6.07 -39.82 -4.12
CA PHE F 109 6.94 -39.86 -5.28
C PHE F 109 8.25 -39.11 -5.07
N PHE F 110 8.16 -37.81 -4.72
CA PHE F 110 9.38 -37.01 -4.56
C PHE F 110 10.33 -37.67 -3.55
N VAL F 111 9.77 -38.16 -2.46
CA VAL F 111 10.59 -38.81 -1.47
C VAL F 111 11.42 -39.89 -2.13
N GLN F 112 10.78 -40.68 -3.00
CA GLN F 112 11.46 -41.81 -3.65
C GLN F 112 12.52 -41.29 -4.61
N LYS F 113 12.14 -40.33 -5.43
CA LYS F 113 13.09 -39.72 -6.33
C LYS F 113 14.19 -39.06 -5.53
N LEU F 114 13.85 -38.51 -4.36
CA LEU F 114 14.86 -37.88 -3.53
C LEU F 114 15.76 -38.92 -2.88
N LYS F 115 15.17 -40.02 -2.37
CA LYS F 115 15.94 -41.14 -1.83
C LYS F 115 17.05 -41.53 -2.78
N GLY F 116 16.71 -41.70 -4.07
CA GLY F 116 17.67 -42.17 -5.06
C GLY F 116 18.77 -41.17 -5.37
N PHE F 117 18.47 -39.88 -5.26
CA PHE F 117 19.42 -38.78 -5.45
C PHE F 117 20.37 -38.60 -4.29
N LYS F 118 19.87 -38.79 -3.06
CA LYS F 118 20.76 -38.80 -1.91
C LYS F 118 21.75 -39.95 -2.03
N ALA F 119 21.31 -41.08 -2.57
CA ALA F 119 22.16 -42.25 -2.67
C ALA F 119 23.15 -42.15 -3.83
N SER F 120 22.79 -41.48 -4.90
CA SER F 120 23.65 -41.32 -6.07
C SER F 120 24.73 -40.28 -5.84
N ARG F 121 24.71 -39.63 -4.67
CA ARG F 121 25.67 -38.59 -4.34
C ARG F 121 26.97 -39.19 -3.81
N SER F 122 26.83 -40.16 -2.90
CA SER F 122 27.88 -40.73 -2.04
C SER F 122 28.66 -41.88 -2.68
N HIS F 123 27.97 -42.98 -3.03
CA HIS F 123 28.67 -44.08 -3.71
C HIS F 123 28.75 -43.71 -5.18
C13 JC3 G . 15.75 28.98 -30.51
C15 JC3 G . 13.41 28.55 -30.19
C20 JC3 G . 9.02 29.14 -37.46
C21 JC3 G . 7.68 28.83 -37.53
C22 JC3 G . 6.85 29.57 -38.35
C24 JC3 G . 8.70 30.95 -39.05
C1 JC3 G . 12.23 25.55 -37.01
C3 JC3 G . 10.60 27.03 -37.24
C4 JC3 G . 10.06 28.34 -36.55
C5 JC3 G . 9.61 28.00 -35.24
C6 JC3 G . 10.81 27.64 -34.51
C7 JC3 G . 11.61 26.45 -35.06
C9 JC3 G . 11.36 27.83 -32.14
C11 JC3 G . 13.71 28.59 -31.66
C12 JC3 G . 15.09 29.02 -31.90
C14 JC3 G . 14.62 28.95 -29.44
C16 JC3 G . 12.09 28.11 -29.73
C19 JC3 G . 9.77 27.34 -30.22
C23 JC3 G . 7.34 30.62 -39.10
C25 JC3 G . 9.53 30.20 -38.23
N2 JC3 G . 11.72 26.51 -36.50
N8 JC3 G . 10.37 27.48 -33.11
N10 JC3 G . 12.70 28.21 -32.62
N18 JC3 G . 11.07 27.76 -30.69
O17 JC3 G . 11.84 28.05 -28.57
H131 JC3 G . 16.28 28.16 -30.43
H132 JC3 G . 16.29 29.77 -30.39
H211 JC3 G . 7.34 28.13 -37.02
H221 JC3 G . 5.94 29.36 -38.39
H241 JC3 G . 9.03 31.65 -39.56
H012 JC3 G . 12.81 25.11 -36.37
H013 JC3 G . 12.75 25.83 -37.78
H011 JC3 G . 11.53 24.94 -37.29
H031 JC3 G . 9.89 26.37 -37.27
H032 JC3 G . 10.88 27.24 -38.15
H041 JC3 G . 10.83 28.92 -36.44
H051 JC3 G . 9.18 28.76 -34.82
H052 JC3 G . 9.00 27.24 -35.27
H061 JC3 G . 11.40 28.42 -34.54
H071 JC3 G . 11.16 25.62 -34.82
H072 JC3 G . 12.50 26.45 -34.67
H121 JC3 G . 15.54 28.40 -32.50
H122 JC3 G . 15.12 29.91 -32.25
H142 JC3 G . 14.49 29.84 -29.07
H141 JC3 G . 14.82 28.29 -28.76
H193 JC3 G . 9.80 27.22 -29.26
H191 JC3 G . 9.52 26.49 -30.64
H192 JC3 G . 9.11 28.01 -30.45
H231 JC3 G . 6.77 31.11 -39.65
H251 JC3 G . 10.43 30.41 -38.18
H081 JC3 G . 9.57 27.23 -32.91
C13 JC3 H . -6.59 -7.04 21.98
C15 JC3 H . -6.14 -4.65 22.13
C20 JC3 H . -4.31 -1.93 30.16
C21 JC3 H . -3.59 -0.74 30.19
C22 JC3 H . -3.85 0.18 31.18
C24 JC3 H . -5.59 -1.27 32.06
C1 JC3 H . -1.09 -4.68 28.13
C3 JC3 H . -2.54 -3.46 29.10
C4 JC3 H . -3.99 -2.95 29.01
C5 JC3 H . -4.15 -2.33 27.76
C6 JC3 H . -3.95 -3.27 26.68
C7 JC3 H . -2.60 -4.00 26.77
C9 JC3 H . -4.79 -3.17 24.31
C11 JC3 H . -5.85 -5.30 23.47
C12 JC3 H . -6.31 -6.70 23.45
C14 JC3 H . -6.81 -5.66 21.30
C16 JC3 H . -5.73 -3.23 21.89
C19 JC3 H . -4.67 -1.17 22.77
C23 JC3 H . -4.86 -0.09 32.10
C25 JC3 H . -5.31 -2.20 31.08
N2 JC3 H . -2.27 -4.43 28.09
N8 JC3 H . -4.14 -2.49 25.41
N10 JC3 H . -5.18 -4.57 24.52
N18 JC3 H . -5.06 -2.53 22.98
O17 JC3 H . -5.95 -2.67 20.83
H131 JC3 H . -7.39 -7.58 21.91
H132 JC3 H . -5.81 -7.47 21.59
H211 JC3 H . -2.92 -0.57 29.56
H221 JC3 H . -3.38 0.97 31.23
H241 JC3 H . -6.24 -1.44 32.70
H012 JC3 H . -0.60 -3.85 28.20
H013 JC3 H . -0.83 -5.14 27.32
H011 JC3 H . -0.90 -5.23 28.90
H031 JC3 H . -2.40 -3.85 29.98
H032 JC3 H . -1.94 -2.71 29.00
H041 JC3 H . -4.59 -3.71 29.08
H051 JC3 H . -5.05 -1.96 27.70
H052 JC3 H . -3.51 -1.61 27.67
H061 JC3 H . -4.67 -3.94 26.73
H071 JC3 H . -1.90 -3.40 26.45
H072 JC3 H . -2.63 -4.79 26.19
H121 JC3 H . -5.62 -7.28 23.80
H122 JC3 H . -7.13 -6.78 23.97
H142 JC3 H . -7.77 -5.47 21.28
H141 JC3 H . -6.42 -5.66 20.42
H193 JC3 H . -4.79 -0.94 21.83
H191 JC3 H . -3.74 -1.06 23.01
H192 JC3 H . -5.22 -0.58 23.32
H231 JC3 H . -5.03 0.53 32.76
H251 JC3 H . -5.79 -2.99 31.04
H081 JC3 H . -3.88 -1.68 25.35
C13 JC3 I . 4.18 -22.79 18.21
C15 JC3 I . 3.88 -25.22 18.31
C20 JC3 I . 5.23 -29.01 25.85
C21 JC3 I . 6.57 -28.84 26.17
C22 JC3 I . 7.24 -29.88 26.77
C24 JC3 I . 5.21 -31.19 26.72
C1 JC3 I . 1.40 -26.20 25.78
C3 JC3 I . 3.10 -27.53 25.94
C4 JC3 I . 4.41 -27.87 25.18
C5 JC3 I . 4.12 -28.34 23.87
C6 JC3 I . 3.57 -27.23 23.11
C7 JC3 I . 2.32 -26.55 23.80
C9 JC3 I . 3.48 -26.98 20.64
C11 JC3 I . 4.14 -24.74 19.68
C12 JC3 I . 4.65 -23.31 19.58
C14 JC3 I . 4.17 -24.13 17.39
C16 JC3 I . 3.39 -26.60 18.07
C19 JC3 I . 2.69 -28.79 19.03
C23 JC3 I . 6.55 -31.06 27.03
C25 JC3 I . 4.53 -30.15 26.13
N2 JC3 I . 2.43 -26.46 25.25
N8 JC3 I . 3.27 -27.83 21.81
N10 JC3 I . 3.93 -25.59 20.83
N18 JC3 I . 3.18 -27.45 19.25
O17 JC3 I . 3.18 -26.98 16.95
H131 JC3 I . 3.29 -22.41 18.27
H132 JC3 I . 4.84 -22.16 17.84
H211 JC3 I . 7.02 -28.04 25.97
H221 JC3 I . 8.14 -29.80 26.98
H241 JC3 I . 4.76 -31.99 26.92
H012 JC3 I . 0.86 -25.65 25.18
H013 JC3 I . 1.57 -25.71 26.60
H011 JC3 I . 0.92 -27.02 25.98
H031 JC3 I . 2.52 -28.31 25.96
H032 JC3 I . 3.31 -27.26 26.85
H041 JC3 I . 4.96 -27.08 25.12
H051 JC3 I . 4.92 -28.65 23.44
H052 JC3 I . 3.46 -29.06 23.91
H061 JC3 I . 4.26 -26.57 23.00
H071 JC3 I . 1.53 -27.05 23.58
H072 JC3 I . 2.24 -25.65 23.44
H121 JC3 I . 4.27 -22.77 20.29
H122 JC3 I . 5.61 -23.30 19.62
H142 JC3 I . 5.05 -24.27 17.00
H141 JC3 I . 3.47 -24.08 16.72
H193 JC3 I . 1.93 -28.95 19.61
H191 JC3 I . 3.39 -29.42 19.23
H192 JC3 I . 2.41 -28.90 18.10
H231 JC3 I . 7.01 -31.76 27.45
H251 JC3 I . 3.63 -30.23 25.91
H081 JC3 I . 2.97 -28.64 21.74
C13 JC3 J . 18.03 20.77 -7.54
C15 JC3 J . 16.26 22.34 -6.94
C20 JC3 J . 14.85 23.37 1.52
C21 JC3 J . 14.68 22.19 2.21
C22 JC3 J . 13.68 22.11 3.15
C24 JC3 J . 13.07 24.38 2.71
C1 JC3 J . 18.73 25.60 0.08
C3 JC3 J . 17.15 24.38 0.87
C4 JC3 J . 15.96 23.49 0.41
C5 JC3 J . 15.31 23.96 -0.76
C6 JC3 J . 16.24 23.88 -1.86
C7 JC3 J . 17.50 24.75 -1.54
C9 JC3 J . 15.70 23.69 -4.34
C11 JC3 J . 17.00 21.94 -5.69
C12 JC3 J . 17.95 20.86 -6.01
C14 JC3 J . 16.75 21.49 -8.06
C16 JC3 J . 15.23 23.45 -6.87
C19 JC3 J . 13.99 25.18 -5.46
C23 JC3 J . 12.87 23.20 3.41
C25 JC3 J . 14.06 24.46 1.75
N2 JC3 J . 18.08 24.63 -0.21
N8 JC3 J . 15.47 24.33 -3.05
N10 JC3 J . 16.72 22.62 -4.44
N18 JC3 J . 14.97 24.12 -5.57
O17 JC3 J . 14.65 23.78 -7.86
H131 JC3 J . 18.82 21.25 -7.86
H132 JC3 J . 18.01 19.84 -7.83
H211 JC3 J . 15.21 21.46 2.03
H221 JC3 J . 13.56 21.32 3.63
H241 JC3 J . 12.51 25.11 2.88
H012 JC3 J . 19.18 25.94 -0.70
H013 JC3 J . 19.39 25.35 0.75
H011 JC3 J . 18.14 26.29 0.45
H031 JC3 J . 17.63 23.92 1.59
H032 JC3 J . 16.81 25.22 1.21
H041 JC3 J . 16.30 22.60 0.23
H051 JC3 J . 14.53 23.41 -0.96
H052 JC3 J . 15.04 24.88 -0.65
H061 JC3 J . 16.52 22.96 -1.97
H071 JC3 J . 17.24 25.68 -1.66
H072 JC3 J . 18.18 24.54 -2.18
H121 JC3 J . 18.83 21.06 -5.64
H122 JC3 J . 17.62 20.01 -5.65
H142 JC3 J . 16.07 20.83 -8.29
H141 JC3 J . 16.98 22.06 -8.82
H193 JC3 J . 14.39 25.95 -5.01
H191 JC3 J . 13.24 24.87 -4.94
H192 JC3 J . 13.70 25.44 -6.34
H231 JC3 J . 12.21 23.14 4.06
H251 JC3 J . 14.18 25.25 1.28
H081 JC3 J . 14.89 24.96 -2.98
C13 JC3 K . -4.82 -3.24 -2.25
C15 JC3 K . -6.24 -1.29 -1.91
C20 JC3 K . -9.18 2.03 -9.23
C21 JC3 K . -10.25 2.91 -9.10
C22 JC3 K . -10.33 3.99 -9.93
C24 JC3 K . -8.29 3.34 -11.03
C1 JC3 K . -11.09 -2.04 -8.09
C3 JC3 K . -9.96 -0.37 -8.79
C4 JC3 K . -9.06 0.79 -8.26
C5 JC3 K . -9.41 1.15 -6.92
C6 JC3 K . -9.05 0.00 -6.09
C7 JC3 K . -9.81 -1.31 -6.47
C9 JC3 K . -8.20 -0.13 -3.75
C11 JC3 K . -6.27 -1.68 -3.36
C12 JC3 K . -5.20 -2.67 -3.62
C14 JC3 K . -5.16 -2.06 -1.27
C16 JC3 K . -7.23 -0.30 -1.36
C19 JC3 K . -9.19 1.23 -1.94
C23 JC3 K . -9.36 4.20 -10.89
C25 JC3 K . -8.19 2.24 -10.20
N2 JC3 K . -10.04 -1.49 -7.88
N8 JC3 K . -9.17 0.45 -4.68
N10 JC3 K . -7.22 -1.12 -4.25
N18 JC3 K . -8.18 0.26 -2.32
O17 JC3 K . -7.22 -0.01 -0.16
H131 JC3 K . -5.36 -4.01 -2.05
H132 JC3 K . -3.86 -3.41 -2.22
H211 JC3 K . -10.90 2.76 -8.45
H221 JC3 K . -11.04 4.59 -9.85
H241 JC3 K . -7.63 3.49 -11.68
H012 JC3 K . -11.29 -2.65 -7.36
H013 JC3 K . -11.03 -2.55 -8.92
H011 JC3 K . -11.79 -1.39 -8.17
H031 JC3 K . -10.85 -0.02 -8.94
H032 JC3 K . -9.58 -0.68 -9.63
H041 JC3 K . -8.14 0.48 -8.27
H051 JC3 K . -8.91 1.92 -6.63
H052 JC3 K . -10.37 1.31 -6.84
H061 JC3 K . -8.11 -0.17 -6.25
H071 JC3 K . -10.66 -1.31 -6.01
H072 JC3 K . -9.28 -2.06 -6.14
H121 JC3 K . -5.54 -3.38 -4.20
H122 JC3 K . -4.44 -2.23 -4.03
H142 JC3 K . -4.39 -1.49 -1.17
H141 JC3 K . -5.48 -2.42 -0.43
H193 JC3 K . -9.20 1.32 -0.97
H191 JC3 K . -10.06 0.93 -2.25
H192 JC3 K . -8.98 2.09 -2.34
H231 JC3 K . -9.42 4.93 -11.45
H251 JC3 K . -7.47 1.66 -10.27
H081 JC3 K . -9.76 1.04 -4.44
C13 JC3 L . -6.38 -22.20 -3.81
C15 JC3 L . -5.03 -24.13 -4.43
C20 JC3 L . -4.98 -26.17 -12.63
C21 JC3 L . -3.90 -26.86 -13.13
C22 JC3 L . -4.08 -27.86 -14.08
C24 JC3 L . -6.46 -27.45 -13.99
C1 JC3 L . -2.83 -22.12 -11.62
C3 JC3 L . -3.77 -23.97 -12.13
C4 JC3 L . -4.69 -25.06 -11.56
C5 JC3 L . -4.06 -25.61 -10.42
C6 JC3 L . -3.99 -24.56 -9.41
C7 JC3 L . -3.28 -23.26 -9.84
C9 JC3 L . -3.91 -24.91 -6.99
C11 JC3 L . -5.51 -23.46 -5.69
C12 JC3 L . -6.56 -22.47 -5.31
C14 JC3 L . -5.77 -23.55 -3.32
C16 JC3 L . -3.98 -25.19 -4.45
C19 JC3 L . -2.43 -26.58 -5.77
C23 JC3 L . -5.36 -28.14 -14.50
C25 JC3 L . -6.28 -26.45 -13.06
N2 JC3 L . -3.63 -22.88 -11.18
N8 JC3 L . -3.38 -25.25 -8.30
N10 JC3 L . -4.95 -23.85 -6.97
N18 JC3 L . -3.43 -25.56 -5.73
O17 JC3 L . -3.62 -25.70 -3.44
H131 JC3 L . -7.24 -22.04 -3.39
H132 JC3 L . -5.74 -21.48 -3.67
H211 JC3 L . -3.04 -26.66 -12.83
H221 JC3 L . -3.34 -28.32 -14.41
H241 JC3 L . -7.31 -27.66 -14.30
H012 JC3 L . -2.05 -22.61 -11.96
H013 JC3 L . -2.54 -21.52 -10.92
H011 JC3 L . -3.22 -21.61 -12.34
H031 JC3 L . -2.89 -24.34 -12.32
H032 JC3 L . -4.15 -23.62 -12.96
H041 JC3 L . -5.53 -24.65 -11.29
H051 JC3 L . -4.57 -26.35 -10.09
H052 JC3 L . -3.16 -25.90 -10.65
H061 JC3 L . -4.90 -24.33 -9.18
H071 JC3 L . -2.32 -23.39 -9.78
H072 JC3 L . -3.54 -22.55 -9.23
H121 JC3 L . -6.44 -21.64 -5.81
H122 JC3 L . -7.44 -22.84 -5.47
H142 JC3 L . -6.50 -24.14 -3.07
H141 JC3 L . -5.17 -23.38 -2.58
H193 JC3 L . -2.14 -26.79 -4.86
H191 JC3 L . -1.66 -26.27 -6.29
H192 JC3 L . -2.80 -27.38 -6.17
H231 JC3 L . -5.49 -28.81 -15.13
H251 JC3 L . -7.01 -25.99 -12.72
H081 JC3 L . -2.80 -25.86 -8.40
#